data_1DUV
#
_entry.id   1DUV
#
_cell.length_a   86.680
_cell.length_b   134.230
_cell.length_c   109.300
_cell.angle_alpha   90.00
_cell.angle_beta   90.00
_cell.angle_gamma   90.00
#
_symmetry.space_group_name_H-M   'P 21 21 2'
#
loop_
_entity.id
_entity.type
_entity.pdbx_description
1 polymer 'ORNITHINE TRANSCARBAMOYLASE'
2 non-polymer "NDELTA-(N'-SULPHODIAMINOPHOSPHINYL)-L-ORNITHINE"
3 non-polymer (4S)-2-METHYL-2,4-PENTANEDIOL
4 water water
#
_entity_poly.entity_id   1
_entity_poly.type   'polypeptide(L)'
_entity_poly.pdbx_seq_one_letter_code
;SGFYHKHFLKLLDFTPAELNSLLQLAAKLKADKKSGKEEAKLTGKNIALIFEKDSTRTRCSFEVAAYDQGARVTYLGPSG
SQIGHKESIKDTARVLGRMYDGIQYRGYGQEIVETLAEYASVPVWNGLTNEFHPTQLLADLLTMQEHLPGKAFNEMTLVY
AGDARNNMGNSMLEAAALTGLDLRLVAPQACWPEAALVTECRALAQQNGGNITLTEDVAKGVEGADFIYTDVWVSMGEAK
EKWAERIALLREYQVNSKMMQLTGNPEVKFLHCLPAFHDDQTTLGKKMAEEFGLHGGMEVTDEVFESAASIVFDQAENRM
HTIKAVMVATLSK
;
_entity_poly.pdbx_strand_id   G,H,I
#
loop_
_chem_comp.id
_chem_comp.type
_chem_comp.name
_chem_comp.formula
MPD non-polymer (4S)-2-METHYL-2,4-PENTANEDIOL 'C6 H14 O2'
PSQ non-polymer NDELTA-(N'-SULPHODIAMINOPHOSPHINYL)-L-ORNITHINE 'C5 H15 N4 O6 P S'
#
# COMPACT_ATOMS: atom_id res chain seq x y z
N SER A 1 18.61 -18.77 26.95
CA SER A 1 18.66 -17.53 26.12
C SER A 1 17.81 -17.72 24.86
N GLY A 2 17.97 -16.80 23.90
CA GLY A 2 17.22 -16.96 22.66
C GLY A 2 16.41 -15.79 22.17
N PHE A 3 15.77 -16.01 21.03
CA PHE A 3 14.96 -14.98 20.40
C PHE A 3 13.49 -15.36 20.36
N TYR A 4 13.18 -16.63 20.64
CA TYR A 4 11.81 -17.09 20.54
C TYR A 4 10.79 -16.25 21.29
N HIS A 5 9.90 -15.65 20.52
CA HIS A 5 8.84 -14.77 20.99
C HIS A 5 9.31 -13.57 21.78
N LYS A 6 10.50 -13.08 21.41
CA LYS A 6 11.05 -11.88 22.04
C LYS A 6 10.87 -10.74 21.03
N HIS A 7 10.90 -9.52 21.54
CA HIS A 7 10.84 -8.34 20.69
C HIS A 7 12.28 -8.11 20.19
N PHE A 8 12.43 -7.20 19.23
CA PHE A 8 13.76 -6.84 18.73
C PHE A 8 13.70 -5.31 18.62
N LEU A 9 13.90 -4.63 19.75
CA LEU A 9 13.81 -3.17 19.81
C LEU A 9 15.12 -2.35 19.80
N LYS A 10 16.24 -2.99 20.16
CA LYS A 10 17.56 -2.35 20.23
C LYS A 10 18.56 -3.47 20.55
N LEU A 11 19.82 -3.29 20.20
CA LEU A 11 20.79 -4.36 20.39
C LEU A 11 21.15 -4.72 21.82
N LEU A 12 21.16 -3.73 22.71
CA LEU A 12 21.53 -4.01 24.09
C LEU A 12 20.53 -4.86 24.86
N ASP A 13 19.44 -5.31 24.22
CA ASP A 13 18.49 -6.19 24.89
C ASP A 13 18.98 -7.63 24.69
N PHE A 14 20.12 -7.80 24.04
CA PHE A 14 20.65 -9.13 23.76
C PHE A 14 22.13 -9.26 24.16
N THR A 15 22.59 -10.50 24.28
CA THR A 15 23.98 -10.79 24.65
C THR A 15 24.87 -10.96 23.43
N PRO A 16 26.20 -10.88 23.62
CA PRO A 16 27.10 -11.05 22.47
C PRO A 16 26.86 -12.41 21.78
N ALA A 17 26.53 -13.41 22.58
CA ALA A 17 26.29 -14.77 22.07
C ALA A 17 25.02 -14.81 21.27
N GLU A 18 23.96 -14.20 21.79
CA GLU A 18 22.69 -14.18 21.04
C GLU A 18 22.87 -13.44 19.71
N LEU A 19 23.58 -12.31 19.73
CA LEU A 19 23.81 -11.56 18.50
C LEU A 19 24.54 -12.44 17.50
N ASN A 20 25.60 -13.09 17.95
CA ASN A 20 26.37 -13.96 17.08
C ASN A 20 25.50 -15.08 16.47
N SER A 21 24.63 -15.66 17.29
CA SER A 21 23.74 -16.69 16.78
C SER A 21 22.86 -16.11 15.67
N LEU A 22 22.32 -14.91 15.89
CA LEU A 22 21.45 -14.26 14.91
C LEU A 22 22.20 -14.03 13.61
N LEU A 23 23.43 -13.55 13.70
CA LEU A 23 24.23 -13.31 12.52
C LEU A 23 24.48 -14.62 11.76
N GLN A 24 24.68 -15.71 12.51
CA GLN A 24 24.91 -17.01 11.86
C GLN A 24 23.66 -17.51 11.16
N LEU A 25 22.52 -17.31 11.80
CA LEU A 25 21.27 -17.70 11.17
C LEU A 25 21.12 -16.90 9.86
N ALA A 26 21.48 -15.63 9.88
CA ALA A 26 21.37 -14.77 8.70
C ALA A 26 22.22 -15.31 7.58
N ALA A 27 23.45 -15.73 7.90
CA ALA A 27 24.34 -16.26 6.87
C ALA A 27 23.80 -17.57 6.30
N LYS A 28 23.18 -18.37 7.14
CA LYS A 28 22.61 -19.62 6.70
C LYS A 28 21.45 -19.35 5.74
N LEU A 29 20.51 -18.53 6.19
CA LEU A 29 19.36 -18.18 5.39
C LEU A 29 19.77 -17.57 4.06
N LYS A 30 20.81 -16.76 4.08
CA LYS A 30 21.32 -16.12 2.87
C LYS A 30 21.84 -17.19 1.90
N ALA A 31 22.64 -18.11 2.43
CA ALA A 31 23.20 -19.18 1.63
C ALA A 31 22.09 -20.08 1.08
N ASP A 32 21.11 -20.43 1.92
CA ASP A 32 19.99 -21.29 1.50
C ASP A 32 19.15 -20.71 0.38
N LYS A 33 18.91 -19.40 0.40
CA LYS A 33 18.11 -18.77 -0.64
C LYS A 33 18.87 -18.87 -1.96
N LYS A 34 20.17 -18.57 -1.88
CA LYS A 34 21.04 -18.57 -3.05
C LYS A 34 21.23 -19.94 -3.67
N SER A 35 21.23 -20.98 -2.86
CA SER A 35 21.40 -22.33 -3.36
C SER A 35 20.06 -22.97 -3.68
N GLY A 36 18.99 -22.21 -3.50
CA GLY A 36 17.67 -22.74 -3.77
C GLY A 36 17.25 -23.82 -2.78
N LYS A 37 17.85 -23.83 -1.59
CA LYS A 37 17.49 -24.83 -0.60
C LYS A 37 16.72 -24.24 0.60
N GLU A 38 16.19 -23.03 0.45
CA GLU A 38 15.48 -22.39 1.56
C GLU A 38 14.26 -23.14 2.05
N GLU A 39 14.18 -23.31 3.37
CA GLU A 39 13.07 -24.01 3.98
C GLU A 39 12.22 -22.98 4.72
N ALA A 40 10.98 -22.80 4.27
CA ALA A 40 10.09 -21.82 4.87
C ALA A 40 9.68 -22.21 6.27
N LYS A 41 9.85 -21.31 7.23
CA LYS A 41 9.49 -21.61 8.62
C LYS A 41 8.32 -20.77 9.11
N LEU A 42 7.91 -19.80 8.31
CA LEU A 42 6.81 -18.94 8.73
C LEU A 42 5.55 -19.11 7.90
N THR A 43 5.39 -20.29 7.32
CA THR A 43 4.21 -20.55 6.51
C THR A 43 2.93 -20.27 7.29
N GLY A 44 2.05 -19.45 6.73
CA GLY A 44 0.79 -19.15 7.39
C GLY A 44 0.80 -18.00 8.37
N LYS A 45 1.99 -17.45 8.67
CA LYS A 45 2.11 -16.33 9.60
C LYS A 45 1.68 -15.02 8.90
N ASN A 46 1.02 -14.15 9.65
CA ASN A 46 0.58 -12.87 9.14
C ASN A 46 1.31 -11.78 9.96
N ILE A 47 1.93 -10.86 9.26
CA ILE A 47 2.72 -9.82 9.91
C ILE A 47 2.25 -8.42 9.50
N ALA A 48 2.16 -7.53 10.49
CA ALA A 48 1.76 -6.14 10.23
C ALA A 48 3.03 -5.28 10.15
N LEU A 49 3.13 -4.49 9.09
CA LEU A 49 4.27 -3.59 8.91
C LEU A 49 3.83 -2.13 9.07
N ILE A 50 4.06 -1.56 10.25
CA ILE A 50 3.69 -0.16 10.49
C ILE A 50 4.83 0.73 10.06
N PHE A 51 4.56 1.68 9.17
CA PHE A 51 5.58 2.64 8.75
C PHE A 51 5.10 4.07 8.94
N GLU A 52 5.75 4.82 9.83
CA GLU A 52 5.34 6.21 10.03
C GLU A 52 6.33 7.14 9.29
N LYS A 53 7.34 6.53 8.70
CA LYS A 53 8.35 7.23 7.92
C LYS A 53 8.49 6.48 6.62
N ASP A 54 9.15 7.11 5.66
CA ASP A 54 9.36 6.45 4.38
C ASP A 54 10.36 5.33 4.49
N SER A 55 10.32 4.43 3.51
CA SER A 55 11.25 3.32 3.48
C SER A 55 11.26 2.53 2.19
N THR A 56 12.48 2.20 1.77
CA THR A 56 12.67 1.32 0.63
C THR A 56 13.38 0.05 1.19
N ARG A 57 14.62 0.15 1.67
CA ARG A 57 15.33 -1.05 2.17
C ARG A 57 14.61 -1.82 3.26
N THR A 58 14.14 -1.16 4.31
CA THR A 58 13.46 -1.85 5.39
C THR A 58 12.09 -2.44 4.99
N ARG A 59 11.29 -1.65 4.28
CA ARG A 59 10.00 -2.09 3.78
C ARG A 59 10.16 -3.38 2.94
N CYS A 60 10.99 -3.29 1.89
CA CYS A 60 11.22 -4.42 1.00
C CYS A 60 11.92 -5.59 1.68
N SER A 61 12.79 -5.32 2.66
CA SER A 61 13.47 -6.41 3.38
C SER A 61 12.42 -7.23 4.13
N PHE A 62 11.52 -6.55 4.84
CA PHE A 62 10.47 -7.26 5.56
C PHE A 62 9.53 -7.99 4.60
N GLU A 63 9.15 -7.36 3.49
CA GLU A 63 8.24 -8.04 2.57
C GLU A 63 8.87 -9.30 1.94
N VAL A 64 10.03 -9.14 1.32
CA VAL A 64 10.72 -10.26 0.65
C VAL A 64 11.05 -11.37 1.66
N ALA A 65 11.58 -10.98 2.82
CA ALA A 65 11.93 -11.95 3.85
C ALA A 65 10.70 -12.77 4.21
N ALA A 66 9.57 -12.09 4.42
CA ALA A 66 8.33 -12.81 4.77
C ALA A 66 7.82 -13.75 3.66
N TYR A 67 7.73 -13.23 2.44
CA TYR A 67 7.26 -14.02 1.30
C TYR A 67 8.12 -15.28 1.15
N ASP A 68 9.44 -15.10 1.15
CA ASP A 68 10.39 -16.22 1.04
C ASP A 68 10.12 -17.29 2.11
N GLN A 69 9.67 -16.85 3.28
CA GLN A 69 9.41 -17.76 4.39
C GLN A 69 7.96 -18.21 4.53
N GLY A 70 7.14 -17.86 3.53
CA GLY A 70 5.76 -18.29 3.51
C GLY A 70 4.76 -17.46 4.29
N ALA A 71 5.20 -16.32 4.81
CA ALA A 71 4.34 -15.45 5.60
C ALA A 71 3.72 -14.38 4.71
N ARG A 72 2.69 -13.71 5.22
CA ARG A 72 2.05 -12.65 4.45
C ARG A 72 2.21 -11.40 5.27
N VAL A 73 2.11 -10.25 4.60
CA VAL A 73 2.27 -8.97 5.28
C VAL A 73 1.21 -7.95 4.90
N THR A 74 0.92 -7.06 5.84
CA THR A 74 -0.03 -5.97 5.62
C THR A 74 0.75 -4.67 5.83
N TYR A 75 1.02 -3.94 4.75
CA TYR A 75 1.75 -2.68 4.89
C TYR A 75 0.79 -1.57 5.31
N LEU A 76 1.06 -0.97 6.48
CA LEU A 76 0.26 0.13 7.00
C LEU A 76 1.16 1.37 6.91
N GLY A 77 1.03 2.10 5.80
CA GLY A 77 1.86 3.26 5.56
C GLY A 77 1.55 4.53 6.33
N PRO A 78 2.32 5.61 6.08
CA PRO A 78 2.21 6.93 6.71
C PRO A 78 0.81 7.52 6.60
N SER A 79 0.00 7.02 5.67
CA SER A 79 -1.36 7.51 5.56
C SER A 79 -2.23 6.34 5.18
N GLY A 80 -3.52 6.46 5.45
CA GLY A 80 -4.44 5.39 5.10
C GLY A 80 -4.95 4.65 6.32
N SER A 81 -4.25 4.79 7.46
CA SER A 81 -4.73 4.12 8.67
C SER A 81 -5.06 5.17 9.74
N GLN A 82 -5.51 4.70 10.89
CA GLN A 82 -5.86 5.58 12.00
C GLN A 82 -4.66 5.88 12.92
N ILE A 83 -3.56 5.17 12.74
CA ILE A 83 -2.40 5.32 13.61
C ILE A 83 -1.92 6.76 13.96
N GLY A 84 -1.75 7.02 15.26
CA GLY A 84 -1.26 8.30 15.76
C GLY A 84 -2.20 9.52 15.76
N HIS A 85 -2.85 9.77 14.64
CA HIS A 85 -3.75 10.90 14.52
C HIS A 85 -5.14 10.61 15.09
N LYS A 86 -5.66 9.42 14.79
CA LYS A 86 -6.99 9.04 15.24
C LYS A 86 -7.02 7.96 16.29
N GLU A 87 -5.90 7.27 16.51
CA GLU A 87 -5.88 6.19 17.49
C GLU A 87 -4.55 6.06 18.18
N SER A 88 -4.59 5.92 19.49
CA SER A 88 -3.38 5.80 20.29
C SER A 88 -2.62 4.50 20.00
N ILE A 89 -1.33 4.52 20.33
CA ILE A 89 -0.46 3.36 20.09
C ILE A 89 -0.85 2.15 20.95
N LYS A 90 -1.32 2.38 22.19
CA LYS A 90 -1.79 1.29 23.08
C LYS A 90 -2.95 0.55 22.42
N ASP A 91 -3.89 1.31 21.88
CA ASP A 91 -5.08 0.80 21.19
C ASP A 91 -4.65 0.05 19.92
N THR A 92 -3.80 0.69 19.11
CA THR A 92 -3.30 0.05 17.88
C THR A 92 -2.63 -1.29 18.22
N ALA A 93 -1.75 -1.28 19.22
CA ALA A 93 -1.05 -2.48 19.66
C ALA A 93 -2.02 -3.60 20.09
N ARG A 94 -3.05 -3.22 20.83
CA ARG A 94 -3.99 -4.22 21.30
C ARG A 94 -4.88 -4.75 20.18
N VAL A 95 -5.12 -3.92 19.17
CA VAL A 95 -5.93 -4.37 18.05
C VAL A 95 -5.11 -5.30 17.12
N LEU A 96 -3.90 -4.87 16.73
CA LEU A 96 -3.07 -5.69 15.84
C LEU A 96 -2.62 -7.00 16.48
N GLY A 97 -2.40 -6.99 17.80
CA GLY A 97 -1.98 -8.19 18.49
C GLY A 97 -3.03 -9.30 18.52
N ARG A 98 -4.27 -8.95 18.16
CA ARG A 98 -5.39 -9.91 18.10
C ARG A 98 -5.55 -10.50 16.70
N MET A 99 -4.80 -9.96 15.72
CA MET A 99 -4.92 -10.41 14.34
C MET A 99 -3.64 -10.89 13.69
N TYR A 100 -2.49 -10.37 14.15
CA TYR A 100 -1.20 -10.74 13.56
C TYR A 100 -0.29 -11.52 14.49
N ASP A 101 0.73 -12.15 13.90
CA ASP A 101 1.71 -12.95 14.63
C ASP A 101 2.98 -12.18 14.96
N GLY A 102 3.16 -11.05 14.28
CA GLY A 102 4.33 -10.23 14.50
C GLY A 102 4.06 -8.85 13.95
N ILE A 103 4.72 -7.84 14.51
CA ILE A 103 4.53 -6.46 14.08
C ILE A 103 5.86 -5.73 13.92
N GLN A 104 6.02 -5.07 12.78
CA GLN A 104 7.23 -4.28 12.52
C GLN A 104 6.78 -2.84 12.69
N TYR A 105 7.62 -2.03 13.31
CA TYR A 105 7.33 -0.62 13.51
C TYR A 105 8.53 0.28 13.14
N ARG A 106 8.29 1.23 12.24
CA ARG A 106 9.31 2.21 11.89
C ARG A 106 8.62 3.54 12.16
N GLY A 107 9.27 4.39 12.94
CA GLY A 107 8.67 5.65 13.21
C GLY A 107 9.54 6.62 13.96
N TYR A 108 8.97 7.22 14.98
CA TYR A 108 9.66 8.22 15.76
C TYR A 108 10.26 7.80 17.09
N GLY A 109 9.75 8.33 18.19
CA GLY A 109 10.32 8.05 19.49
C GLY A 109 10.40 6.59 19.82
N GLN A 110 11.50 6.20 20.46
CA GLN A 110 11.68 4.81 20.88
C GLN A 110 10.58 4.43 21.86
N GLU A 111 10.04 5.40 22.60
CA GLU A 111 8.98 5.07 23.54
C GLU A 111 7.72 4.62 22.80
N ILE A 112 7.57 4.96 21.52
CA ILE A 112 6.40 4.50 20.77
C ILE A 112 6.49 2.99 20.56
N VAL A 113 7.66 2.53 20.10
CA VAL A 113 7.84 1.10 19.84
C VAL A 113 7.87 0.28 21.13
N GLU A 114 8.29 0.91 22.23
CA GLU A 114 8.32 0.20 23.51
C GLU A 114 6.89 -0.05 24.00
N THR A 115 6.03 0.97 23.85
CA THR A 115 4.62 0.86 24.26
C THR A 115 3.94 -0.17 23.38
N LEU A 116 4.25 -0.12 22.09
CA LEU A 116 3.69 -1.04 21.14
C LEU A 116 4.06 -2.44 21.60
N ALA A 117 5.35 -2.64 21.90
CA ALA A 117 5.81 -3.94 22.38
C ALA A 117 5.12 -4.35 23.67
N GLU A 118 4.98 -3.42 24.61
CA GLU A 118 4.34 -3.70 25.90
C GLU A 118 2.91 -4.17 25.76
N TYR A 119 2.19 -3.63 24.77
CA TYR A 119 0.78 -3.96 24.61
C TYR A 119 0.34 -4.88 23.46
N ALA A 120 1.25 -5.26 22.59
CA ALA A 120 0.87 -6.07 21.44
C ALA A 120 0.58 -7.56 21.70
N SER A 121 1.27 -8.14 22.67
CA SER A 121 1.12 -9.57 23.02
C SER A 121 1.73 -10.48 21.95
N VAL A 122 2.43 -9.86 21.00
CA VAL A 122 3.12 -10.59 19.94
C VAL A 122 4.46 -9.88 19.74
N PRO A 123 5.47 -10.58 19.18
CA PRO A 123 6.78 -9.94 18.98
C PRO A 123 6.73 -8.67 18.11
N VAL A 124 7.31 -7.56 18.57
CA VAL A 124 7.38 -6.37 17.72
C VAL A 124 8.86 -6.04 17.46
N TRP A 125 9.13 -5.70 16.22
CA TRP A 125 10.48 -5.40 15.79
C TRP A 125 10.61 -3.94 15.39
N ASN A 126 11.69 -3.32 15.85
CA ASN A 126 12.00 -1.94 15.57
C ASN A 126 12.71 -1.84 14.21
N GLY A 127 11.99 -1.30 13.21
CA GLY A 127 12.53 -1.13 11.86
C GLY A 127 13.14 0.27 11.63
N LEU A 128 13.34 0.98 12.75
CA LEU A 128 13.94 2.31 12.92
C LEU A 128 13.09 3.26 13.74
N THR A 129 13.73 3.91 14.71
CA THR A 129 13.12 4.94 15.57
C THR A 129 14.12 6.09 15.58
N ASN A 130 13.76 7.21 16.20
CA ASN A 130 14.68 8.34 16.26
C ASN A 130 16.00 7.94 16.94
N GLU A 131 15.93 7.03 17.90
CA GLU A 131 17.09 6.62 18.69
C GLU A 131 17.87 5.38 18.28
N PHE A 132 17.19 4.39 17.71
CA PHE A 132 17.87 3.14 17.36
C PHE A 132 17.42 2.55 16.05
N HIS A 133 18.34 1.85 15.41
CA HIS A 133 18.08 1.18 14.13
C HIS A 133 18.84 -0.15 14.21
N PRO A 134 18.38 -1.07 15.08
CA PRO A 134 19.06 -2.36 15.23
C PRO A 134 19.17 -3.28 14.04
N THR A 135 18.13 -3.42 13.22
CA THR A 135 18.26 -4.35 12.09
C THR A 135 19.37 -3.96 11.11
N GLN A 136 19.63 -2.65 11.00
CA GLN A 136 20.67 -2.12 10.12
C GLN A 136 22.05 -2.63 10.57
N LEU A 137 22.31 -2.56 11.86
CA LEU A 137 23.59 -3.01 12.39
C LEU A 137 23.80 -4.51 12.13
N LEU A 138 22.72 -5.29 12.15
CA LEU A 138 22.85 -6.72 11.86
C LEU A 138 23.44 -6.89 10.46
N ALA A 139 22.88 -6.13 9.51
CA ALA A 139 23.34 -6.18 8.11
C ALA A 139 24.78 -5.70 8.00
N ASP A 140 25.09 -4.62 8.71
CA ASP A 140 26.43 -4.06 8.69
C ASP A 140 27.46 -5.07 9.22
N LEU A 141 27.17 -5.65 10.37
CA LEU A 141 28.03 -6.64 10.98
C LEU A 141 28.21 -7.86 10.06
N LEU A 142 27.12 -8.35 9.46
CA LEU A 142 27.26 -9.50 8.56
C LEU A 142 28.12 -9.11 7.34
N THR A 143 27.95 -7.91 6.81
CA THR A 143 28.73 -7.50 5.65
C THR A 143 30.23 -7.38 6.00
N MET A 144 30.52 -6.90 7.21
CA MET A 144 31.90 -6.75 7.69
C MET A 144 32.56 -8.13 7.88
N GLN A 145 31.80 -9.05 8.47
CA GLN A 145 32.25 -10.42 8.67
C GLN A 145 32.60 -10.98 7.29
N GLU A 146 31.68 -10.85 6.34
CA GLU A 146 31.91 -11.36 5.00
C GLU A 146 33.07 -10.71 4.24
N HIS A 147 33.34 -9.43 4.48
CA HIS A 147 34.42 -8.77 3.76
C HIS A 147 35.81 -8.86 4.41
N LEU A 148 35.85 -9.32 5.65
CA LEU A 148 37.09 -9.54 6.40
C LEU A 148 36.93 -10.94 6.97
N PRO A 149 37.01 -11.95 6.12
CA PRO A 149 36.86 -13.32 6.57
C PRO A 149 37.87 -13.74 7.64
N GLY A 150 37.38 -14.52 8.60
CA GLY A 150 38.24 -15.02 9.67
C GLY A 150 39.00 -13.98 10.45
N LYS A 151 38.28 -12.95 10.87
CA LYS A 151 38.85 -11.89 11.67
C LYS A 151 37.67 -11.59 12.58
N ALA A 152 37.87 -11.69 13.88
CA ALA A 152 36.79 -11.45 14.80
C ALA A 152 36.45 -9.96 14.78
N PHE A 153 35.27 -9.60 15.26
CA PHE A 153 34.90 -8.19 15.28
C PHE A 153 35.88 -7.44 16.16
N ASN A 154 36.37 -8.08 17.22
CA ASN A 154 37.30 -7.39 18.08
C ASN A 154 38.70 -7.31 17.50
N GLU A 155 38.82 -7.64 16.22
CA GLU A 155 40.09 -7.53 15.53
C GLU A 155 39.89 -6.50 14.42
N MET A 156 38.73 -5.86 14.43
CA MET A 156 38.38 -4.87 13.42
C MET A 156 38.21 -3.47 14.01
N THR A 157 38.53 -2.47 13.20
CA THR A 157 38.39 -1.06 13.57
C THR A 157 37.31 -0.46 12.68
N LEU A 158 36.29 0.09 13.33
CA LEU A 158 35.20 0.68 12.58
C LEU A 158 35.10 2.17 12.88
N VAL A 159 35.02 2.97 11.81
CA VAL A 159 34.87 4.43 11.91
C VAL A 159 33.46 4.83 11.46
N TYR A 160 32.75 5.56 12.30
CA TYR A 160 31.45 6.10 11.89
C TYR A 160 31.74 7.60 11.90
N ALA A 161 31.52 8.26 10.76
CA ALA A 161 31.77 9.69 10.61
C ALA A 161 30.51 10.54 10.40
N GLY A 162 30.47 11.72 11.02
CA GLY A 162 29.35 12.61 10.82
C GLY A 162 28.50 12.86 12.04
N ASP A 163 27.19 12.77 11.85
CA ASP A 163 26.24 13.01 12.92
C ASP A 163 26.19 11.76 13.79
N ALA A 164 27.02 11.73 14.81
CA ALA A 164 27.09 10.55 15.70
C ALA A 164 26.05 10.51 16.82
N ARG A 165 25.10 11.44 16.82
CA ARG A 165 24.07 11.39 17.85
C ARG A 165 22.70 10.98 17.27
N ASN A 166 22.66 10.58 16.00
CA ASN A 166 21.39 10.14 15.42
C ASN A 166 21.25 8.64 15.75
N ASN A 167 20.20 7.99 15.22
CA ASN A 167 19.96 6.58 15.49
C ASN A 167 21.15 5.71 15.11
N MET A 168 21.84 6.06 14.02
CA MET A 168 22.99 5.28 13.61
C MET A 168 24.18 5.41 14.59
N GLY A 169 24.41 6.61 15.12
CA GLY A 169 25.48 6.78 16.09
C GLY A 169 25.22 5.93 17.34
N ASN A 170 23.99 6.00 17.85
CA ASN A 170 23.62 5.22 19.03
C ASN A 170 23.75 3.73 18.79
N SER A 171 23.35 3.30 17.60
CA SER A 171 23.38 1.89 17.25
C SER A 171 24.80 1.37 17.12
N MET A 172 25.72 2.22 16.66
CA MET A 172 27.13 1.86 16.54
C MET A 172 27.67 1.58 17.95
N LEU A 173 27.28 2.43 18.90
CA LEU A 173 27.70 2.24 20.28
C LEU A 173 27.23 0.86 20.76
N GLU A 174 25.94 0.54 20.55
CA GLU A 174 25.42 -0.78 20.97
C GLU A 174 26.16 -1.96 20.32
N ALA A 175 26.37 -1.86 19.01
CA ALA A 175 27.05 -2.90 18.26
C ALA A 175 28.45 -3.16 18.79
N ALA A 176 29.20 -2.10 19.10
CA ALA A 176 30.56 -2.24 19.62
C ALA A 176 30.50 -2.88 21.01
N ALA A 177 29.45 -2.54 21.77
CA ALA A 177 29.25 -3.08 23.12
C ALA A 177 29.08 -4.61 23.10
N LEU A 178 28.46 -5.13 22.04
CA LEU A 178 28.22 -6.58 21.91
C LEU A 178 29.24 -7.37 21.11
N THR A 179 30.15 -6.69 20.42
CA THR A 179 31.11 -7.37 19.57
C THR A 179 32.58 -7.18 19.92
N GLY A 180 32.90 -6.07 20.58
CA GLY A 180 34.28 -5.77 20.92
C GLY A 180 35.02 -5.06 19.81
N LEU A 181 34.27 -4.44 18.91
CA LEU A 181 34.85 -3.67 17.80
C LEU A 181 35.68 -2.53 18.37
N ASP A 182 36.63 -2.05 17.58
CA ASP A 182 37.41 -0.88 17.95
C ASP A 182 36.65 0.18 17.14
N LEU A 183 35.72 0.84 17.81
CA LEU A 183 34.86 1.85 17.20
C LEU A 183 35.31 3.28 17.44
N ARG A 184 35.32 4.07 16.37
CA ARG A 184 35.67 5.48 16.46
C ARG A 184 34.50 6.26 15.88
N LEU A 185 33.98 7.19 16.68
CA LEU A 185 32.93 8.07 16.21
C LEU A 185 33.69 9.37 15.92
N VAL A 186 33.92 9.63 14.63
CA VAL A 186 34.64 10.82 14.19
C VAL A 186 33.56 11.85 13.91
N ALA A 187 33.40 12.79 14.83
CA ALA A 187 32.35 13.78 14.73
C ALA A 187 32.63 14.98 15.61
N PRO A 188 32.06 16.14 15.26
CA PRO A 188 32.26 17.35 16.06
C PRO A 188 31.52 17.11 17.39
N GLN A 189 32.05 17.70 18.46
CA GLN A 189 31.49 17.52 19.80
C GLN A 189 30.00 17.75 19.92
N ALA A 190 29.47 18.75 19.22
CA ALA A 190 28.05 19.04 19.30
C ALA A 190 27.21 17.84 18.81
N CYS A 191 27.85 16.93 18.09
CA CYS A 191 27.15 15.76 17.58
C CYS A 191 27.51 14.43 18.27
N TRP A 192 28.17 14.48 19.42
CA TRP A 192 28.52 13.23 20.10
C TRP A 192 27.27 12.67 20.78
N PRO A 193 27.12 11.33 20.82
CA PRO A 193 25.94 10.71 21.44
C PRO A 193 25.89 10.93 22.95
N GLU A 194 24.75 10.64 23.58
CA GLU A 194 24.58 10.85 25.02
C GLU A 194 25.60 10.13 25.90
N ALA A 195 26.14 10.88 26.86
CA ALA A 195 27.18 10.41 27.77
C ALA A 195 26.95 9.05 28.45
N ALA A 196 25.79 8.86 29.04
CA ALA A 196 25.54 7.61 29.72
C ALA A 196 25.63 6.38 28.79
N LEU A 197 25.11 6.50 27.57
CA LEU A 197 25.16 5.39 26.62
C LEU A 197 26.62 5.10 26.20
N VAL A 198 27.41 6.17 26.01
CA VAL A 198 28.82 6.03 25.63
C VAL A 198 29.55 5.25 26.73
N THR A 199 29.33 5.65 27.98
CA THR A 199 29.94 5.02 29.14
C THR A 199 29.55 3.54 29.28
N GLU A 200 28.24 3.27 29.28
CA GLU A 200 27.77 1.90 29.40
C GLU A 200 28.35 1.02 28.30
N CYS A 201 28.23 1.52 27.06
CA CYS A 201 28.74 0.77 25.92
C CYS A 201 30.25 0.58 25.86
N ARG A 202 31.05 1.57 26.31
CA ARG A 202 32.50 1.41 26.27
C ARG A 202 32.95 0.27 27.19
N ALA A 203 32.37 0.19 28.39
CA ALA A 203 32.71 -0.86 29.36
C ALA A 203 32.43 -2.24 28.76
N LEU A 204 31.28 -2.37 28.11
CA LEU A 204 30.90 -3.64 27.48
C LEU A 204 31.80 -3.94 26.30
N ALA A 205 32.10 -2.92 25.49
CA ALA A 205 32.97 -3.14 24.33
C ALA A 205 34.32 -3.64 24.82
N GLN A 206 34.82 -2.99 25.88
CA GLN A 206 36.11 -3.36 26.45
C GLN A 206 36.09 -4.79 26.98
N GLN A 207 34.99 -5.14 27.66
CA GLN A 207 34.79 -6.48 28.18
C GLN A 207 34.96 -7.46 27.04
N ASN A 208 34.64 -7.02 25.83
CA ASN A 208 34.72 -7.88 24.67
C ASN A 208 35.98 -7.72 23.81
N GLY A 209 36.94 -6.96 24.33
CA GLY A 209 38.19 -6.74 23.62
C GLY A 209 38.27 -5.54 22.70
N GLY A 210 37.30 -4.64 22.81
CA GLY A 210 37.29 -3.46 21.96
C GLY A 210 37.35 -2.14 22.72
N ASN A 211 37.02 -1.07 21.99
CA ASN A 211 37.04 0.27 22.55
C ASN A 211 36.04 1.14 21.85
N ILE A 212 35.83 2.31 22.45
CA ILE A 212 34.94 3.28 21.86
C ILE A 212 35.63 4.62 22.07
N THR A 213 35.98 5.22 20.95
CA THR A 213 36.67 6.50 20.93
C THR A 213 35.83 7.54 20.23
N LEU A 214 35.67 8.69 20.87
CA LEU A 214 34.93 9.82 20.30
C LEU A 214 36.01 10.86 20.04
N THR A 215 36.04 11.39 18.82
CA THR A 215 37.04 12.38 18.50
C THR A 215 36.59 13.31 17.37
N GLU A 216 36.99 14.58 17.46
CA GLU A 216 36.68 15.57 16.43
C GLU A 216 37.79 15.55 15.35
N ASP A 217 38.87 14.83 15.65
CA ASP A 217 40.03 14.74 14.78
C ASP A 217 39.93 13.62 13.76
N VAL A 218 39.72 13.97 12.49
CA VAL A 218 39.59 12.97 11.43
C VAL A 218 40.78 12.03 11.27
N ALA A 219 41.95 12.59 11.02
CA ALA A 219 43.16 11.81 10.83
C ALA A 219 43.37 10.81 11.95
N LYS A 220 43.20 11.25 13.20
CA LYS A 220 43.39 10.37 14.34
C LYS A 220 42.30 9.30 14.44
N GLY A 221 41.06 9.71 14.18
CA GLY A 221 39.97 8.77 14.29
C GLY A 221 39.95 7.71 13.22
N VAL A 222 40.39 8.02 12.00
CA VAL A 222 40.33 7.04 10.91
C VAL A 222 41.59 6.21 10.69
N GLU A 223 42.64 6.52 11.44
CA GLU A 223 43.90 5.76 11.30
C GLU A 223 43.73 4.26 11.54
N GLY A 224 44.04 3.48 10.53
CA GLY A 224 43.98 2.04 10.67
C GLY A 224 42.60 1.45 10.49
N ALA A 225 41.65 2.27 10.05
CA ALA A 225 40.30 1.79 9.85
C ALA A 225 40.22 0.65 8.80
N ASP A 226 39.36 -0.33 9.12
CA ASP A 226 39.09 -1.43 8.20
C ASP A 226 37.85 -1.00 7.39
N PHE A 227 36.98 -0.22 8.04
CA PHE A 227 35.76 0.27 7.39
C PHE A 227 35.46 1.69 7.86
N ILE A 228 34.99 2.52 6.92
CA ILE A 228 34.55 3.89 7.22
C ILE A 228 33.08 3.91 6.86
N TYR A 229 32.27 4.32 7.81
CA TYR A 229 30.82 4.37 7.70
C TYR A 229 30.28 5.78 7.86
N THR A 230 29.30 6.16 7.06
CA THR A 230 28.68 7.47 7.29
C THR A 230 27.17 7.40 6.99
N ASP A 231 26.48 8.52 7.20
CA ASP A 231 25.02 8.59 7.04
C ASP A 231 24.68 10.08 6.78
N VAL A 232 23.47 10.36 6.31
CA VAL A 232 23.05 11.74 6.02
C VAL A 232 23.17 12.62 7.28
N TRP A 233 23.42 13.92 7.10
CA TRP A 233 23.60 14.82 8.23
C TRP A 233 22.30 15.28 8.90
N VAL A 234 21.17 15.07 8.21
CA VAL A 234 19.84 15.40 8.73
C VAL A 234 19.00 14.16 8.47
N SER A 235 18.47 13.60 9.54
CA SER A 235 17.67 12.38 9.48
C SER A 235 16.17 12.56 9.21
N MET A 236 15.52 11.49 8.76
CA MET A 236 14.07 11.55 8.51
C MET A 236 13.35 12.02 9.77
N GLY A 237 12.36 12.90 9.57
CA GLY A 237 11.61 13.41 10.71
C GLY A 237 12.17 14.70 11.29
N GLU A 238 13.48 14.93 11.16
CA GLU A 238 14.09 16.15 11.68
C GLU A 238 13.73 17.31 10.74
N ALA A 239 13.60 18.52 11.32
CA ALA A 239 13.25 19.72 10.55
C ALA A 239 14.22 20.05 9.40
N LYS A 240 13.68 20.43 8.24
CA LYS A 240 14.49 20.77 7.08
C LYS A 240 15.48 21.91 7.41
N GLU A 241 15.11 22.73 8.39
CA GLU A 241 15.93 23.85 8.84
C GLU A 241 17.31 23.43 9.36
N LYS A 242 17.41 22.19 9.81
CA LYS A 242 18.67 21.68 10.35
C LYS A 242 19.77 21.64 9.31
N TRP A 243 19.42 21.49 8.03
CA TRP A 243 20.43 21.42 6.98
C TRP A 243 21.46 22.55 7.03
N ALA A 244 20.94 23.76 7.24
CA ALA A 244 21.78 24.96 7.33
C ALA A 244 22.92 24.75 8.32
N GLU A 245 22.56 24.65 9.60
CA GLU A 245 23.54 24.44 10.66
C GLU A 245 24.34 23.13 10.56
N ARG A 246 23.68 22.03 10.23
CA ARG A 246 24.36 20.75 10.12
C ARG A 246 25.48 20.74 9.06
N ILE A 247 25.21 21.27 7.87
CA ILE A 247 26.23 21.28 6.83
C ILE A 247 27.50 22.02 7.29
N ALA A 248 27.34 23.15 7.97
CA ALA A 248 28.45 23.97 8.45
C ALA A 248 29.30 23.24 9.47
N LEU A 249 28.62 22.45 10.28
CA LEU A 249 29.23 21.68 11.34
C LEU A 249 29.88 20.37 10.88
N LEU A 250 29.23 19.69 9.94
CA LEU A 250 29.67 18.39 9.47
C LEU A 250 30.38 18.27 8.13
N ARG A 251 30.43 19.36 7.38
CA ARG A 251 31.09 19.39 6.07
C ARG A 251 32.51 18.80 6.17
N GLU A 252 33.17 19.11 7.27
CA GLU A 252 34.53 18.65 7.52
C GLU A 252 34.61 17.15 7.68
N TYR A 253 33.48 16.53 8.00
CA TYR A 253 33.45 15.09 8.23
C TYR A 253 32.97 14.28 7.04
N GLN A 254 32.80 14.95 5.90
CA GLN A 254 32.39 14.28 4.69
C GLN A 254 33.37 13.15 4.42
N VAL A 255 32.86 12.03 3.93
CA VAL A 255 33.72 10.92 3.59
C VAL A 255 34.15 11.15 2.13
N ASN A 256 35.41 11.47 1.92
CA ASN A 256 35.93 11.70 0.57
C ASN A 256 37.20 10.87 0.43
N SER A 257 37.79 10.88 -0.76
CA SER A 257 39.00 10.10 -0.99
C SER A 257 40.11 10.41 0.00
N LYS A 258 40.27 11.69 0.34
CA LYS A 258 41.29 12.12 1.30
C LYS A 258 41.11 11.34 2.62
N MET A 259 39.87 11.30 3.13
CA MET A 259 39.60 10.57 4.38
C MET A 259 39.95 9.09 4.24
N MET A 260 39.65 8.50 3.07
CA MET A 260 39.97 7.09 2.83
C MET A 260 41.49 6.91 2.86
N GLN A 261 42.20 7.89 2.30
CA GLN A 261 43.65 7.87 2.26
C GLN A 261 44.24 8.04 3.64
N LEU A 262 43.61 8.87 4.46
CA LEU A 262 44.08 9.09 5.82
C LEU A 262 44.06 7.86 6.71
N THR A 263 43.38 6.79 6.27
CA THR A 263 43.34 5.55 7.06
C THR A 263 44.67 4.79 6.97
N GLY A 264 45.40 5.02 5.87
CA GLY A 264 46.66 4.35 5.66
C GLY A 264 46.44 2.89 5.32
N ASN A 265 45.18 2.52 5.05
CA ASN A 265 44.86 1.14 4.74
C ASN A 265 44.33 1.01 3.32
N PRO A 266 45.12 0.39 2.44
CA PRO A 266 44.73 0.21 1.03
C PRO A 266 43.45 -0.60 0.86
N GLU A 267 43.16 -1.46 1.82
CA GLU A 267 41.98 -2.31 1.75
C GLU A 267 40.74 -1.74 2.46
N VAL A 268 40.84 -0.51 2.97
CA VAL A 268 39.71 0.07 3.68
C VAL A 268 38.44 0.01 2.84
N LYS A 269 37.33 -0.37 3.47
CA LYS A 269 36.05 -0.46 2.77
C LYS A 269 35.09 0.63 3.25
N PHE A 270 34.15 1.03 2.39
CA PHE A 270 33.16 2.06 2.71
C PHE A 270 31.74 1.53 2.84
N LEU A 271 31.09 1.93 3.94
CA LEU A 271 29.71 1.55 4.27
C LEU A 271 28.83 2.80 4.43
N HIS A 272 27.53 2.67 4.14
CA HIS A 272 26.55 3.76 4.28
C HIS A 272 25.20 3.04 4.34
N CYS A 273 24.43 3.33 5.38
CA CYS A 273 23.13 2.66 5.55
C CYS A 273 22.15 2.96 4.42
N LEU A 274 22.29 4.13 3.81
CA LEU A 274 21.42 4.59 2.72
C LEU A 274 20.04 4.97 3.30
N PRO A 275 19.30 5.87 2.64
CA PRO A 275 19.67 6.57 1.40
C PRO A 275 20.87 7.50 1.60
N ALA A 276 21.64 7.69 0.52
CA ALA A 276 22.83 8.55 0.54
C ALA A 276 22.70 9.72 -0.43
N PHE A 277 23.22 10.87 -0.04
CA PHE A 277 23.22 12.06 -0.91
C PHE A 277 24.67 12.19 -1.39
N HIS A 278 24.97 11.55 -2.53
CA HIS A 278 26.32 11.58 -3.06
C HIS A 278 26.42 12.19 -4.44
N ASP A 279 25.35 12.82 -4.89
CA ASP A 279 25.34 13.51 -6.17
C ASP A 279 24.08 14.35 -6.30
N ASP A 280 23.83 14.88 -7.49
CA ASP A 280 22.67 15.72 -7.73
C ASP A 280 21.40 14.92 -8.11
N GLN A 281 21.58 13.63 -8.35
CA GLN A 281 20.49 12.72 -8.75
C GLN A 281 19.33 12.63 -7.78
N THR A 282 19.25 13.56 -6.84
CA THR A 282 18.15 13.57 -5.88
C THR A 282 17.48 14.94 -5.96
N THR A 283 16.22 14.99 -5.53
CA THR A 283 15.48 16.26 -5.52
C THR A 283 16.21 17.13 -4.48
N LEU A 284 16.03 16.77 -3.21
CA LEU A 284 16.65 17.47 -2.08
C LEU A 284 18.14 17.15 -2.00
N GLY A 285 18.72 16.85 -3.15
CA GLY A 285 20.13 16.54 -3.23
C GLY A 285 20.75 17.43 -4.28
N LYS A 286 19.96 17.79 -5.30
CA LYS A 286 20.44 18.67 -6.36
C LYS A 286 20.54 20.08 -5.81
N LYS A 287 19.49 20.48 -5.08
CA LYS A 287 19.40 21.80 -4.48
C LYS A 287 20.53 22.06 -3.51
N MET A 288 20.51 21.34 -2.38
CA MET A 288 21.51 21.48 -1.33
C MET A 288 22.93 21.51 -1.88
N ALA A 289 23.10 20.98 -3.09
CA ALA A 289 24.41 20.98 -3.72
C ALA A 289 24.71 22.40 -4.20
N GLU A 290 23.82 22.96 -5.01
CA GLU A 290 24.01 24.31 -5.53
C GLU A 290 23.76 25.34 -4.44
N GLU A 291 22.73 25.10 -3.63
CA GLU A 291 22.36 25.99 -2.54
C GLU A 291 23.45 26.20 -1.47
N PHE A 292 24.18 25.15 -1.13
CA PHE A 292 25.24 25.23 -0.11
C PHE A 292 26.64 24.99 -0.65
N GLY A 293 26.79 25.01 -1.97
CA GLY A 293 28.10 24.79 -2.54
C GLY A 293 28.76 23.45 -2.19
N LEU A 294 27.95 22.39 -2.12
CA LEU A 294 28.47 21.04 -1.82
C LEU A 294 28.57 20.20 -3.11
N HIS A 295 29.73 20.20 -3.75
CA HIS A 295 29.88 19.42 -4.97
C HIS A 295 30.48 18.03 -4.70
N GLY A 296 30.23 17.11 -5.62
CA GLY A 296 30.77 15.77 -5.51
C GLY A 296 30.04 14.85 -4.56
N GLY A 297 29.13 15.43 -3.77
CA GLY A 297 28.35 14.65 -2.82
C GLY A 297 28.26 15.41 -1.52
N MET A 298 27.52 14.88 -0.55
CA MET A 298 27.43 15.55 0.75
C MET A 298 28.18 14.81 1.85
N GLU A 299 27.51 13.90 2.57
CA GLU A 299 28.19 13.16 3.64
C GLU A 299 29.24 12.26 3.03
N VAL A 300 29.09 11.99 1.73
CA VAL A 300 30.05 11.17 0.99
C VAL A 300 30.10 11.66 -0.45
N THR A 301 31.28 11.61 -1.04
CA THR A 301 31.42 12.03 -2.43
C THR A 301 30.96 10.90 -3.33
N ASP A 302 30.50 11.25 -4.52
CA ASP A 302 30.08 10.23 -5.44
C ASP A 302 31.29 9.38 -5.81
N GLU A 303 32.47 9.99 -5.82
CA GLU A 303 33.68 9.25 -6.16
C GLU A 303 33.92 8.09 -5.20
N VAL A 304 33.79 8.35 -3.89
CA VAL A 304 33.97 7.30 -2.90
C VAL A 304 32.82 6.28 -3.00
N PHE A 305 31.60 6.79 -3.07
CA PHE A 305 30.41 5.96 -3.15
C PHE A 305 30.46 4.92 -4.26
N GLU A 306 31.00 5.31 -5.42
CA GLU A 306 31.07 4.42 -6.58
C GLU A 306 32.43 3.74 -6.73
N SER A 307 33.33 3.97 -5.80
CA SER A 307 34.65 3.37 -5.88
C SER A 307 34.66 1.89 -5.52
N ALA A 308 35.74 1.22 -5.90
CA ALA A 308 35.93 -0.20 -5.63
C ALA A 308 35.84 -0.51 -4.14
N ALA A 309 36.13 0.48 -3.32
CA ALA A 309 36.09 0.34 -1.87
C ALA A 309 34.66 0.31 -1.33
N SER A 310 33.70 0.78 -2.12
CA SER A 310 32.33 0.83 -1.64
C SER A 310 31.67 -0.54 -1.68
N ILE A 311 31.03 -0.90 -0.58
CA ILE A 311 30.34 -2.18 -0.50
C ILE A 311 28.91 -1.94 0.01
N VAL A 312 28.39 -0.73 -0.26
CA VAL A 312 27.06 -0.36 0.20
C VAL A 312 25.91 -1.23 -0.33
N PHE A 313 26.08 -1.84 -1.49
CA PHE A 313 25.01 -2.66 -1.99
C PHE A 313 25.05 -4.08 -1.47
N ASP A 314 26.22 -4.52 -1.01
CA ASP A 314 26.31 -5.84 -0.37
C ASP A 314 25.61 -5.61 0.98
N GLN A 315 25.89 -4.45 1.56
CA GLN A 315 25.32 -4.03 2.82
C GLN A 315 23.79 -3.96 2.73
N ALA A 316 23.28 -3.28 1.70
CA ALA A 316 21.84 -3.17 1.49
C ALA A 316 21.20 -4.55 1.32
N GLU A 317 21.83 -5.41 0.51
CA GLU A 317 21.30 -6.76 0.33
C GLU A 317 21.16 -7.46 1.68
N ASN A 318 22.18 -7.34 2.52
CA ASN A 318 22.16 -8.00 3.82
C ASN A 318 21.08 -7.50 4.77
N ARG A 319 20.41 -6.41 4.39
CA ARG A 319 19.31 -5.89 5.21
C ARG A 319 18.19 -6.93 5.18
N MET A 320 17.98 -7.55 4.02
CA MET A 320 16.93 -8.55 3.86
C MET A 320 17.23 -9.88 4.60
N HIS A 321 18.44 -10.40 4.39
CA HIS A 321 18.86 -11.66 5.03
C HIS A 321 18.83 -11.57 6.55
N THR A 322 19.21 -10.41 7.09
CA THR A 322 19.19 -10.23 8.54
C THR A 322 17.80 -9.99 9.11
N ILE A 323 16.94 -9.29 8.36
CA ILE A 323 15.57 -9.09 8.83
C ILE A 323 14.85 -10.44 8.77
N LYS A 324 15.20 -11.27 7.79
CA LYS A 324 14.60 -12.59 7.72
C LYS A 324 15.02 -13.36 9.00
N ALA A 325 16.30 -13.27 9.34
CA ALA A 325 16.80 -13.94 10.54
C ALA A 325 16.04 -13.47 11.78
N VAL A 326 15.78 -12.17 11.88
CA VAL A 326 15.04 -11.66 13.03
C VAL A 326 13.63 -12.29 13.15
N MET A 327 12.90 -12.33 12.04
CA MET A 327 11.55 -12.89 12.08
C MET A 327 11.53 -14.39 12.31
N VAL A 328 12.42 -15.11 11.66
CA VAL A 328 12.53 -16.56 11.84
C VAL A 328 12.93 -16.90 13.29
N ALA A 329 13.94 -16.21 13.81
CA ALA A 329 14.44 -16.44 15.15
C ALA A 329 13.41 -16.14 16.21
N THR A 330 12.55 -15.14 15.97
CA THR A 330 11.53 -14.82 16.98
C THR A 330 10.18 -15.53 16.82
N LEU A 331 9.91 -16.07 15.63
CA LEU A 331 8.61 -16.70 15.40
C LEU A 331 8.65 -18.22 15.30
N SER A 332 9.84 -18.79 15.27
CA SER A 332 9.97 -20.24 15.17
C SER A 332 11.18 -20.72 15.94
N LYS A 333 11.17 -22.01 16.30
CA LYS A 333 12.26 -22.61 17.04
C LYS A 333 13.33 -23.03 16.06
N SER B 1 -32.58 -15.99 0.34
CA SER B 1 -31.72 -16.23 -0.86
C SER B 1 -30.46 -16.97 -0.47
N GLY B 2 -29.76 -16.45 0.54
CA GLY B 2 -28.53 -17.09 0.97
C GLY B 2 -27.37 -16.12 0.80
N PHE B 3 -26.15 -16.67 0.84
CA PHE B 3 -24.96 -15.83 0.72
C PHE B 3 -24.12 -16.07 -0.52
N TYR B 4 -24.11 -17.29 -1.03
CA TYR B 4 -23.29 -17.56 -2.20
C TYR B 4 -23.49 -16.57 -3.32
N HIS B 5 -22.39 -15.91 -3.67
CA HIS B 5 -22.33 -14.89 -4.71
C HIS B 5 -23.20 -13.69 -4.48
N LYS B 6 -23.53 -13.45 -3.23
CA LYS B 6 -24.34 -12.30 -2.91
C LYS B 6 -23.44 -11.16 -2.38
N HIS B 7 -23.92 -9.93 -2.55
CA HIS B 7 -23.24 -8.75 -2.05
C HIS B 7 -23.54 -8.68 -0.53
N PHE B 8 -22.84 -7.78 0.17
CA PHE B 8 -23.08 -7.60 1.60
C PHE B 8 -23.03 -6.08 1.80
N LEU B 9 -24.14 -5.41 1.50
CA LEU B 9 -24.20 -3.95 1.57
C LEU B 9 -24.79 -3.30 2.80
N LYS B 10 -25.67 -4.04 3.47
CA LYS B 10 -26.33 -3.56 4.67
C LYS B 10 -27.01 -4.79 5.26
N LEU B 11 -27.35 -4.74 6.54
CA LEU B 11 -27.94 -5.90 7.19
C LEU B 11 -29.37 -6.26 6.76
N LEU B 12 -30.21 -5.25 6.54
CA LEU B 12 -31.59 -5.51 6.17
C LEU B 12 -31.76 -6.21 4.83
N ASP B 13 -30.66 -6.51 4.16
CA ASP B 13 -30.75 -7.24 2.88
C ASP B 13 -30.79 -8.74 3.19
N PHE B 14 -30.77 -9.07 4.47
CA PHE B 14 -30.78 -10.46 4.91
C PHE B 14 -31.87 -10.76 5.95
N THR B 15 -32.15 -12.04 6.13
CA THR B 15 -33.18 -12.44 7.09
C THR B 15 -32.51 -12.77 8.42
N PRO B 16 -33.31 -12.78 9.49
CA PRO B 16 -32.77 -13.10 10.82
C PRO B 16 -32.07 -14.46 10.79
N ALA B 17 -32.60 -15.38 9.99
CA ALA B 17 -32.01 -16.71 9.90
C ALA B 17 -30.68 -16.66 9.14
N GLU B 18 -30.58 -15.76 8.17
CA GLU B 18 -29.35 -15.62 7.41
C GLU B 18 -28.28 -15.01 8.32
N LEU B 19 -28.65 -13.95 9.02
CA LEU B 19 -27.72 -13.29 9.93
C LEU B 19 -27.20 -14.29 10.95
N ASN B 20 -28.11 -15.10 11.46
CA ASN B 20 -27.71 -16.07 12.45
C ASN B 20 -26.72 -17.07 11.91
N SER B 21 -26.93 -17.47 10.65
CA SER B 21 -26.05 -18.45 10.01
C SER B 21 -24.65 -17.86 9.82
N LEU B 22 -24.61 -16.60 9.40
CA LEU B 22 -23.34 -15.92 9.23
C LEU B 22 -22.58 -15.92 10.57
N LEU B 23 -23.29 -15.58 11.66
CA LEU B 23 -22.68 -15.54 12.98
C LEU B 23 -22.14 -16.90 13.41
N GLN B 24 -22.88 -17.97 13.13
CA GLN B 24 -22.42 -19.32 13.50
C GLN B 24 -21.17 -19.66 12.68
N LEU B 25 -21.17 -19.27 11.40
CA LEU B 25 -20.02 -19.52 10.54
C LEU B 25 -18.79 -18.76 11.10
N ALA B 26 -19.01 -17.52 11.53
CA ALA B 26 -17.93 -16.72 12.10
C ALA B 26 -17.35 -17.44 13.33
N ALA B 27 -18.24 -17.88 14.23
CA ALA B 27 -17.82 -18.59 15.45
C ALA B 27 -17.04 -19.85 15.10
N LYS B 28 -17.47 -20.53 14.06
CA LYS B 28 -16.79 -21.74 13.67
C LYS B 28 -15.41 -21.45 13.09
N LEU B 29 -15.32 -20.43 12.22
CA LEU B 29 -14.03 -20.09 11.63
C LEU B 29 -13.06 -19.59 12.73
N LYS B 30 -13.61 -18.88 13.72
CA LYS B 30 -12.82 -18.36 14.82
C LYS B 30 -12.16 -19.55 15.53
N ALA B 31 -12.98 -20.54 15.91
CA ALA B 31 -12.49 -21.72 16.60
C ALA B 31 -11.50 -22.56 15.79
N ASP B 32 -11.74 -22.72 14.49
CA ASP B 32 -10.82 -23.52 13.68
C ASP B 32 -9.45 -22.88 13.57
N LYS B 33 -9.42 -21.55 13.52
CA LYS B 33 -8.12 -20.85 13.43
C LYS B 33 -7.39 -21.04 14.75
N LYS B 34 -8.09 -20.84 15.85
CA LYS B 34 -7.50 -20.99 17.15
C LYS B 34 -7.02 -22.42 17.43
N SER B 35 -7.63 -23.42 16.80
CA SER B 35 -7.23 -24.82 17.01
C SER B 35 -6.32 -25.38 15.93
N GLY B 36 -5.98 -24.58 14.92
CA GLY B 36 -5.12 -25.04 13.85
C GLY B 36 -5.85 -25.98 12.92
N LYS B 37 -7.17 -25.89 12.91
CA LYS B 37 -7.98 -26.75 12.08
C LYS B 37 -8.65 -25.96 10.96
N GLU B 38 -8.18 -24.75 10.69
CA GLU B 38 -8.79 -23.93 9.64
C GLU B 38 -8.62 -24.50 8.25
N GLU B 39 -9.73 -24.63 7.52
CA GLU B 39 -9.71 -25.16 6.17
C GLU B 39 -9.86 -23.98 5.21
N ALA B 40 -8.83 -23.76 4.40
CA ALA B 40 -8.82 -22.67 3.44
C ALA B 40 -9.83 -22.94 2.33
N LYS B 41 -10.79 -22.03 2.17
CA LYS B 41 -11.82 -22.18 1.14
C LYS B 41 -11.66 -21.17 0.02
N LEU B 42 -10.76 -20.21 0.19
CA LEU B 42 -10.61 -19.17 -0.82
C LEU B 42 -9.28 -19.22 -1.57
N THR B 43 -8.65 -20.40 -1.58
CA THR B 43 -7.37 -20.56 -2.26
C THR B 43 -7.46 -20.13 -3.73
N GLY B 44 -6.53 -19.27 -4.13
CA GLY B 44 -6.49 -18.82 -5.51
C GLY B 44 -7.41 -17.66 -5.82
N LYS B 45 -8.20 -17.23 -4.84
CA LYS B 45 -9.10 -16.11 -5.04
C LYS B 45 -8.33 -14.79 -4.90
N ASN B 46 -8.65 -13.80 -5.73
CA ASN B 46 -8.00 -12.49 -5.68
C ASN B 46 -9.08 -11.48 -5.28
N ILE B 47 -8.76 -10.67 -4.28
CA ILE B 47 -9.73 -9.71 -3.76
C ILE B 47 -9.21 -8.28 -3.76
N ALA B 48 -10.03 -7.35 -4.27
CA ALA B 48 -9.65 -5.95 -4.33
C ALA B 48 -10.20 -5.22 -3.11
N LEU B 49 -9.37 -4.43 -2.45
CA LEU B 49 -9.79 -3.70 -1.27
C LEU B 49 -9.76 -2.20 -1.51
N ILE B 50 -10.92 -1.61 -1.84
CA ILE B 50 -11.00 -0.18 -2.10
C ILE B 50 -11.25 0.57 -0.79
N PHE B 51 -10.37 1.51 -0.46
CA PHE B 51 -10.52 2.34 0.73
C PHE B 51 -10.44 3.83 0.35
N GLU B 52 -11.57 4.52 0.49
CA GLU B 52 -11.62 5.96 0.21
C GLU B 52 -11.52 6.75 1.54
N LYS B 53 -11.47 5.99 2.64
CA LYS B 53 -11.33 6.54 3.99
C LYS B 53 -10.26 5.70 4.70
N ASP B 54 -9.74 6.24 5.80
CA ASP B 54 -8.70 5.56 6.58
C ASP B 54 -9.24 4.30 7.23
N SER B 55 -8.33 3.41 7.58
CA SER B 55 -8.71 2.17 8.21
C SER B 55 -7.57 1.35 8.81
N THR B 56 -7.82 0.80 9.99
CA THR B 56 -6.89 -0.11 10.64
C THR B 56 -7.64 -1.46 10.76
N ARG B 57 -8.71 -1.52 11.57
CA ARG B 57 -9.48 -2.74 11.79
C ARG B 57 -10.06 -3.37 10.53
N THR B 58 -10.81 -2.61 9.76
CA THR B 58 -11.44 -3.17 8.58
C THR B 58 -10.39 -3.63 7.56
N ARG B 59 -9.38 -2.79 7.32
CA ARG B 59 -8.28 -3.10 6.39
C ARG B 59 -7.60 -4.41 6.80
N CYS B 60 -7.13 -4.46 8.03
CA CYS B 60 -6.45 -5.64 8.56
C CYS B 60 -7.30 -6.92 8.63
N SER B 61 -8.59 -6.75 8.94
CA SER B 61 -9.54 -7.87 9.01
C SER B 61 -9.65 -8.53 7.63
N PHE B 62 -9.86 -7.72 6.59
CA PHE B 62 -9.96 -8.27 5.25
C PHE B 62 -8.65 -8.91 4.83
N GLU B 63 -7.53 -8.28 5.16
CA GLU B 63 -6.25 -8.85 4.81
C GLU B 63 -6.00 -10.17 5.52
N VAL B 64 -6.09 -10.18 6.84
CA VAL B 64 -5.83 -11.43 7.57
C VAL B 64 -6.85 -12.52 7.21
N ALA B 65 -8.14 -12.17 7.16
CA ALA B 65 -9.16 -13.15 6.79
C ALA B 65 -8.81 -13.75 5.43
N ALA B 66 -8.47 -12.89 4.46
CA ALA B 66 -8.13 -13.40 3.13
C ALA B 66 -6.92 -14.34 3.16
N TYR B 67 -5.83 -13.91 3.80
CA TYR B 67 -4.64 -14.74 3.82
C TYR B 67 -4.87 -16.10 4.50
N ASP B 68 -5.58 -16.10 5.63
CA ASP B 68 -5.87 -17.34 6.35
C ASP B 68 -6.58 -18.33 5.44
N GLN B 69 -7.48 -17.79 4.61
CA GLN B 69 -8.30 -18.56 3.67
C GLN B 69 -7.67 -18.85 2.29
N GLY B 70 -6.37 -18.58 2.14
CA GLY B 70 -5.67 -18.86 0.89
C GLY B 70 -5.76 -17.83 -0.23
N ALA B 71 -6.46 -16.72 0.03
CA ALA B 71 -6.66 -15.66 -0.95
C ALA B 71 -5.55 -14.61 -0.91
N ARG B 72 -5.56 -13.74 -1.91
CA ARG B 72 -4.59 -12.65 -2.03
C ARG B 72 -5.43 -11.36 -2.17
N VAL B 73 -4.86 -10.22 -1.78
CA VAL B 73 -5.60 -8.96 -1.83
C VAL B 73 -4.78 -7.84 -2.44
N THR B 74 -5.47 -6.84 -2.98
CA THR B 74 -4.83 -5.66 -3.54
C THR B 74 -5.48 -4.49 -2.80
N TYR B 75 -4.67 -3.76 -2.02
CA TYR B 75 -5.16 -2.61 -1.30
C TYR B 75 -5.05 -1.34 -2.17
N LEU B 76 -6.19 -0.72 -2.42
CA LEU B 76 -6.25 0.53 -3.21
C LEU B 76 -6.73 1.59 -2.20
N GLY B 77 -5.77 2.33 -1.63
CA GLY B 77 -6.06 3.32 -0.62
C GLY B 77 -6.62 4.65 -1.09
N PRO B 78 -6.85 5.60 -0.17
CA PRO B 78 -7.39 6.94 -0.48
C PRO B 78 -6.62 7.67 -1.57
N SER B 79 -5.37 7.28 -1.84
CA SER B 79 -4.58 7.89 -2.90
C SER B 79 -3.78 6.83 -3.65
N GLY B 80 -3.35 7.14 -4.88
CA GLY B 80 -2.57 6.18 -5.63
C GLY B 80 -3.30 5.46 -6.75
N SER B 81 -4.63 5.50 -6.77
CA SER B 81 -5.37 4.87 -7.87
C SER B 81 -6.19 5.99 -8.55
N GLN B 82 -6.95 5.63 -9.60
CA GLN B 82 -7.76 6.61 -10.35
C GLN B 82 -9.15 6.80 -9.73
N ILE B 83 -9.51 5.90 -8.81
CA ILE B 83 -10.82 5.87 -8.15
C ILE B 83 -11.40 7.21 -7.63
N GLY B 84 -12.57 7.57 -8.15
CA GLY B 84 -13.26 8.78 -7.73
C GLY B 84 -12.83 10.08 -8.37
N HIS B 85 -11.55 10.42 -8.27
CA HIS B 85 -11.09 11.68 -8.84
C HIS B 85 -10.90 11.64 -10.36
N LYS B 86 -10.44 10.51 -10.89
CA LYS B 86 -10.23 10.48 -12.33
C LYS B 86 -11.08 9.44 -13.07
N GLU B 87 -11.78 8.59 -12.31
CA GLU B 87 -12.57 7.55 -12.93
C GLU B 87 -13.84 7.28 -12.15
N SER B 88 -14.96 7.20 -12.87
CA SER B 88 -16.27 6.96 -12.28
C SER B 88 -16.36 5.60 -11.59
N ILE B 89 -17.27 5.49 -10.62
CA ILE B 89 -17.38 4.24 -9.90
C ILE B 89 -17.91 3.17 -10.85
N LYS B 90 -18.77 3.54 -11.82
CA LYS B 90 -19.31 2.56 -12.79
C LYS B 90 -18.16 1.95 -13.58
N ASP B 91 -17.20 2.79 -13.97
CA ASP B 91 -16.04 2.31 -14.73
C ASP B 91 -15.16 1.44 -13.84
N THR B 92 -14.85 1.93 -12.64
CA THR B 92 -14.03 1.19 -11.69
C THR B 92 -14.61 -0.22 -11.44
N ALA B 93 -15.93 -0.29 -11.28
CA ALA B 93 -16.59 -1.56 -11.00
C ALA B 93 -16.43 -2.50 -12.19
N ARG B 94 -16.57 -1.98 -13.40
CA ARG B 94 -16.47 -2.83 -14.57
C ARG B 94 -15.04 -3.33 -14.86
N VAL B 95 -14.03 -2.55 -14.45
CA VAL B 95 -12.63 -2.95 -14.62
C VAL B 95 -12.27 -3.99 -13.54
N LEU B 96 -12.56 -3.68 -12.28
CA LEU B 96 -12.23 -4.61 -11.20
C LEU B 96 -12.95 -5.96 -11.30
N GLY B 97 -14.21 -5.95 -11.73
CA GLY B 97 -14.98 -7.18 -11.86
C GLY B 97 -14.41 -8.17 -12.88
N ARG B 98 -13.55 -7.66 -13.78
CA ARG B 98 -12.91 -8.45 -14.85
C ARG B 98 -11.58 -9.04 -14.37
N MET B 99 -11.13 -8.62 -13.19
CA MET B 99 -9.85 -9.10 -12.66
C MET B 99 -9.91 -9.76 -11.27
N TYR B 100 -10.89 -9.36 -10.46
CA TYR B 100 -11.03 -9.91 -9.10
C TYR B 100 -12.27 -10.78 -8.87
N ASP B 101 -12.22 -11.57 -7.80
CA ASP B 101 -13.32 -12.46 -7.45
C ASP B 101 -14.28 -11.82 -6.45
N GLY B 102 -13.82 -10.76 -5.81
CA GLY B 102 -14.62 -10.07 -4.82
C GLY B 102 -14.03 -8.67 -4.61
N ILE B 103 -14.88 -7.74 -4.17
CA ILE B 103 -14.43 -6.37 -3.96
C ILE B 103 -14.95 -5.80 -2.66
N GLN B 104 -14.05 -5.29 -1.81
CA GLN B 104 -14.45 -4.62 -0.58
C GLN B 104 -14.44 -3.11 -0.86
N TYR B 105 -15.43 -2.41 -0.33
CA TYR B 105 -15.47 -0.96 -0.53
C TYR B 105 -15.78 -0.24 0.76
N ARG B 106 -14.92 0.72 1.09
CA ARG B 106 -15.13 1.59 2.24
C ARG B 106 -15.11 3.00 1.67
N GLY B 107 -16.17 3.77 1.93
CA GLY B 107 -16.18 5.10 1.39
C GLY B 107 -17.26 6.00 1.91
N TYR B 108 -17.78 6.81 1.01
CA TYR B 108 -18.79 7.79 1.34
C TYR B 108 -20.23 7.30 1.17
N GLY B 109 -20.99 7.94 0.28
CA GLY B 109 -22.38 7.56 0.10
C GLY B 109 -22.66 6.11 -0.18
N GLN B 110 -23.70 5.58 0.45
CA GLN B 110 -24.15 4.19 0.26
C GLN B 110 -24.47 3.98 -1.22
N GLU B 111 -24.85 5.06 -1.91
CA GLU B 111 -25.17 4.94 -3.33
C GLU B 111 -23.91 4.57 -4.17
N ILE B 112 -22.71 4.95 -3.70
CA ILE B 112 -21.48 4.61 -4.40
C ILE B 112 -21.27 3.09 -4.32
N VAL B 113 -21.39 2.51 -3.12
CA VAL B 113 -21.21 1.06 -2.98
C VAL B 113 -22.33 0.28 -3.70
N GLU B 114 -23.54 0.85 -3.74
CA GLU B 114 -24.67 0.21 -4.44
C GLU B 114 -24.40 0.14 -5.95
N THR B 115 -23.88 1.23 -6.50
CA THR B 115 -23.57 1.30 -7.93
C THR B 115 -22.45 0.31 -8.26
N LEU B 116 -21.43 0.26 -7.39
CA LEU B 116 -20.33 -0.67 -7.55
C LEU B 116 -20.86 -2.12 -7.62
N ALA B 117 -21.75 -2.48 -6.69
CA ALA B 117 -22.34 -3.82 -6.64
C ALA B 117 -23.14 -4.12 -7.90
N GLU B 118 -23.87 -3.12 -8.37
CA GLU B 118 -24.65 -3.27 -9.58
C GLU B 118 -23.81 -3.55 -10.82
N TYR B 119 -22.65 -2.91 -10.92
CA TYR B 119 -21.80 -3.08 -12.09
C TYR B 119 -20.53 -3.96 -11.98
N ALA B 120 -20.23 -4.50 -10.81
CA ALA B 120 -19.01 -5.29 -10.66
C ALA B 120 -19.06 -6.71 -11.24
N SER B 121 -20.22 -7.34 -11.16
CA SER B 121 -20.42 -8.72 -11.61
C SER B 121 -19.70 -9.75 -10.72
N VAL B 122 -19.32 -9.32 -9.51
CA VAL B 122 -18.69 -10.18 -8.51
C VAL B 122 -19.19 -9.63 -7.15
N PRO B 123 -19.16 -10.44 -6.08
CA PRO B 123 -19.63 -9.96 -4.77
C PRO B 123 -18.91 -8.69 -4.31
N VAL B 124 -19.68 -7.74 -3.80
CA VAL B 124 -19.13 -6.49 -3.28
C VAL B 124 -19.56 -6.39 -1.82
N TRP B 125 -18.61 -6.08 -0.94
CA TRP B 125 -18.90 -5.95 0.49
C TRP B 125 -18.69 -4.51 0.98
N ASN B 126 -19.65 -4.02 1.75
CA ASN B 126 -19.61 -2.70 2.31
C ASN B 126 -18.73 -2.70 3.57
N GLY B 127 -17.54 -2.10 3.46
CA GLY B 127 -16.61 -2.01 4.58
C GLY B 127 -16.75 -0.75 5.43
N LEU B 128 -17.82 0.00 5.16
CA LEU B 128 -18.26 1.24 5.83
C LEU B 128 -18.58 2.31 4.80
N THR B 129 -19.77 2.92 4.95
CA THR B 129 -20.22 4.02 4.09
C THR B 129 -20.75 5.05 5.09
N ASN B 130 -21.16 6.21 4.62
CA ASN B 130 -21.68 7.23 5.52
C ASN B 130 -22.89 6.71 6.29
N GLU B 131 -23.74 5.96 5.58
CA GLU B 131 -25.01 5.44 6.14
C GLU B 131 -25.01 4.09 6.87
N PHE B 132 -24.15 3.15 6.46
CA PHE B 132 -24.16 1.85 7.10
C PHE B 132 -22.76 1.25 7.29
N HIS B 133 -22.64 0.36 8.28
CA HIS B 133 -21.39 -0.32 8.57
C HIS B 133 -21.75 -1.75 9.03
N PRO B 134 -22.33 -2.56 8.12
CA PRO B 134 -22.76 -3.93 8.43
C PRO B 134 -21.77 -4.92 9.05
N THR B 135 -20.52 -4.96 8.59
CA THR B 135 -19.59 -5.92 9.17
C THR B 135 -19.29 -5.64 10.64
N GLN B 136 -19.37 -4.35 11.01
CA GLN B 136 -19.11 -3.98 12.40
C GLN B 136 -20.13 -4.68 13.30
N LEU B 137 -21.42 -4.52 12.97
CA LEU B 137 -22.50 -5.14 13.74
C LEU B 137 -22.38 -6.65 13.84
N LEU B 138 -21.84 -7.30 12.81
CA LEU B 138 -21.64 -8.73 12.86
C LEU B 138 -20.66 -9.02 14.00
N ALA B 139 -19.59 -8.23 14.08
CA ALA B 139 -18.57 -8.38 15.12
C ALA B 139 -19.16 -8.11 16.49
N ASP B 140 -19.96 -7.05 16.59
CA ASP B 140 -20.59 -6.66 17.84
C ASP B 140 -21.54 -7.74 18.38
N LEU B 141 -22.40 -8.27 17.51
CA LEU B 141 -23.33 -9.31 17.94
C LEU B 141 -22.60 -10.58 18.38
N LEU B 142 -21.56 -10.98 17.68
CA LEU B 142 -20.84 -12.20 18.07
C LEU B 142 -20.17 -12.00 19.42
N THR B 143 -19.71 -10.79 19.67
CA THR B 143 -19.05 -10.42 20.93
C THR B 143 -20.06 -10.45 22.09
N MET B 144 -21.25 -9.85 21.90
CA MET B 144 -22.30 -9.83 22.90
C MET B 144 -22.71 -11.27 23.25
N GLN B 145 -22.88 -12.09 22.21
CA GLN B 145 -23.25 -13.50 22.39
C GLN B 145 -22.21 -14.24 23.22
N GLU B 146 -20.94 -14.00 22.90
CA GLU B 146 -19.88 -14.64 23.64
C GLU B 146 -19.82 -14.14 25.08
N HIS B 147 -20.29 -12.92 25.33
CA HIS B 147 -20.23 -12.34 26.68
C HIS B 147 -21.47 -12.56 27.55
N LEU B 148 -22.50 -13.11 26.92
CA LEU B 148 -23.75 -13.46 27.59
C LEU B 148 -24.14 -14.79 26.98
N PRO B 149 -23.29 -15.81 27.17
CA PRO B 149 -23.59 -17.12 26.61
C PRO B 149 -24.94 -17.66 27.12
N GLY B 150 -25.69 -18.26 26.20
CA GLY B 150 -26.98 -18.79 26.59
C GLY B 150 -27.87 -17.66 27.04
N LYS B 151 -28.09 -16.74 26.14
CA LYS B 151 -28.93 -15.59 26.36
C LYS B 151 -29.22 -15.18 24.92
N ALA B 152 -30.49 -15.21 24.54
CA ALA B 152 -30.84 -14.83 23.20
C ALA B 152 -30.72 -13.31 23.07
N PHE B 153 -30.51 -12.83 21.85
CA PHE B 153 -30.40 -11.40 21.64
C PHE B 153 -31.63 -10.68 22.16
N ASN B 154 -32.78 -11.35 22.11
CA ASN B 154 -34.02 -10.73 22.59
C ASN B 154 -34.09 -10.70 24.11
N GLU B 155 -33.06 -11.25 24.76
CA GLU B 155 -33.00 -11.18 26.23
C GLU B 155 -32.00 -10.09 26.62
N MET B 156 -31.38 -9.49 25.61
CA MET B 156 -30.37 -8.47 25.83
C MET B 156 -30.83 -7.05 25.60
N THR B 157 -30.29 -6.15 26.42
CA THR B 157 -30.59 -4.72 26.33
C THR B 157 -29.27 -4.07 25.90
N LEU B 158 -29.33 -3.35 24.78
CA LEU B 158 -28.14 -2.70 24.25
C LEU B 158 -28.40 -1.23 24.13
N VAL B 159 -27.48 -0.45 24.70
CA VAL B 159 -27.57 0.99 24.62
C VAL B 159 -26.44 1.51 23.71
N TYR B 160 -26.81 2.39 22.78
CA TYR B 160 -25.84 3.05 21.92
C TYR B 160 -26.08 4.48 22.31
N ALA B 161 -25.04 5.14 22.81
CA ALA B 161 -25.12 6.54 23.25
C ALA B 161 -24.26 7.42 22.33
N GLY B 162 -24.70 8.66 22.14
CA GLY B 162 -23.96 9.61 21.33
C GLY B 162 -24.64 10.05 20.04
N ASP B 163 -23.87 10.04 18.95
CA ASP B 163 -24.39 10.41 17.62
C ASP B 163 -25.16 9.20 17.05
N ALA B 164 -26.49 9.20 17.24
CA ALA B 164 -27.35 8.10 16.79
C ALA B 164 -27.71 8.16 15.32
N ARG B 165 -27.32 9.23 14.64
CA ARG B 165 -27.63 9.35 13.23
C ARG B 165 -26.43 9.12 12.28
N ASN B 166 -25.33 8.55 12.79
CA ASN B 166 -24.18 8.26 11.94
C ASN B 166 -24.36 6.81 11.43
N ASN B 167 -23.38 6.27 10.70
CA ASN B 167 -23.53 4.91 10.20
C ASN B 167 -23.80 3.84 11.27
N MET B 168 -23.24 4.02 12.45
CA MET B 168 -23.45 3.05 13.51
C MET B 168 -24.86 3.11 14.08
N GLY B 169 -25.42 4.31 14.20
CA GLY B 169 -26.79 4.45 14.68
C GLY B 169 -27.70 3.67 13.74
N ASN B 170 -27.63 3.99 12.44
CA ASN B 170 -28.42 3.30 11.42
C ASN B 170 -28.21 1.79 11.46
N SER B 171 -26.98 1.38 11.70
CA SER B 171 -26.67 -0.03 11.73
C SER B 171 -27.24 -0.67 12.98
N MET B 172 -27.37 0.12 14.04
CA MET B 172 -27.93 -0.37 15.30
C MET B 172 -29.42 -0.69 15.04
N LEU B 173 -30.09 0.21 14.32
CA LEU B 173 -31.49 0.01 13.97
C LEU B 173 -31.64 -1.30 13.20
N GLU B 174 -30.77 -1.54 12.23
CA GLU B 174 -30.86 -2.76 11.45
C GLU B 174 -30.66 -4.04 12.27
N ALA B 175 -29.62 -4.06 13.09
CA ALA B 175 -29.33 -5.24 13.90
C ALA B 175 -30.47 -5.61 14.90
N ALA B 176 -31.11 -4.61 15.52
CA ALA B 176 -32.20 -4.86 16.45
C ALA B 176 -33.33 -5.50 15.63
N ALA B 177 -33.59 -4.90 14.47
CA ALA B 177 -34.63 -5.36 13.55
C ALA B 177 -34.52 -6.86 13.23
N LEU B 178 -33.30 -7.35 13.08
CA LEU B 178 -33.08 -8.75 12.73
C LEU B 178 -32.81 -9.65 13.93
N THR B 179 -32.66 -9.06 15.11
CA THR B 179 -32.31 -9.88 16.28
C THR B 179 -33.33 -9.85 17.42
N GLY B 180 -34.07 -8.75 17.55
CA GLY B 180 -35.04 -8.66 18.62
C GLY B 180 -34.42 -8.11 19.88
N LEU B 181 -33.25 -7.50 19.73
CA LEU B 181 -32.58 -6.90 20.87
C LEU B 181 -33.50 -5.82 21.42
N ASP B 182 -33.27 -5.46 22.67
CA ASP B 182 -34.01 -4.35 23.25
C ASP B 182 -32.98 -3.21 23.10
N LEU B 183 -33.12 -2.47 22.00
CA LEU B 183 -32.19 -1.38 21.66
C LEU B 183 -32.60 -0.04 22.22
N ARG B 184 -31.66 0.62 22.87
CA ARG B 184 -31.92 1.95 23.41
C ARG B 184 -30.96 2.91 22.68
N LEU B 185 -31.50 3.88 21.97
CA LEU B 185 -30.66 4.87 21.31
C LEU B 185 -30.82 6.10 22.20
N VAL B 186 -29.80 6.34 23.03
CA VAL B 186 -29.76 7.44 23.98
C VAL B 186 -29.02 8.64 23.39
N ALA B 187 -29.76 9.66 22.96
CA ALA B 187 -29.12 10.80 22.33
C ALA B 187 -30.08 11.96 22.24
N PRO B 188 -29.55 13.17 21.98
CA PRO B 188 -30.40 14.34 21.85
C PRO B 188 -31.15 14.21 20.51
N GLN B 189 -32.39 14.69 20.45
CA GLN B 189 -33.20 14.61 19.24
C GLN B 189 -32.51 15.02 17.92
N ALA B 190 -31.58 15.98 18.00
CA ALA B 190 -30.86 16.46 16.82
C ALA B 190 -30.00 15.38 16.20
N CYS B 191 -29.64 14.36 16.98
CA CYS B 191 -28.81 13.27 16.49
C CYS B 191 -29.55 11.95 16.37
N TRP B 192 -30.87 12.03 16.24
CA TRP B 192 -31.72 10.85 16.08
C TRP B 192 -31.71 10.40 14.62
N PRO B 193 -31.67 9.09 14.35
CA PRO B 193 -31.67 8.67 12.96
C PRO B 193 -33.03 8.92 12.29
N GLU B 194 -33.11 8.65 11.00
CA GLU B 194 -34.34 8.88 10.22
C GLU B 194 -35.56 8.13 10.78
N ALA B 195 -36.65 8.88 11.04
CA ALA B 195 -37.89 8.34 11.59
C ALA B 195 -38.43 7.18 10.79
N ALA B 196 -38.41 7.33 9.46
CA ALA B 196 -38.88 6.26 8.59
C ALA B 196 -38.10 4.97 8.84
N LEU B 197 -36.78 5.07 8.98
CA LEU B 197 -35.98 3.88 9.24
C LEU B 197 -36.22 3.31 10.66
N VAL B 198 -36.43 4.21 11.62
CA VAL B 198 -36.69 3.79 12.98
C VAL B 198 -38.02 3.03 13.05
N THR B 199 -39.02 3.55 12.35
CA THR B 199 -40.36 2.94 12.31
C THR B 199 -40.24 1.51 11.75
N GLU B 200 -39.67 1.40 10.55
CA GLU B 200 -39.50 0.12 9.90
C GLU B 200 -38.80 -0.89 10.81
N CYS B 201 -37.64 -0.51 11.32
CA CYS B 201 -36.85 -1.39 12.18
C CYS B 201 -37.47 -1.74 13.53
N ARG B 202 -38.21 -0.81 14.12
CA ARG B 202 -38.85 -1.10 15.40
C ARG B 202 -39.90 -2.21 15.22
N ALA B 203 -40.71 -2.08 14.17
CA ALA B 203 -41.74 -3.08 13.90
C ALA B 203 -41.09 -4.46 13.77
N LEU B 204 -39.99 -4.53 13.01
CA LEU B 204 -39.28 -5.79 12.80
C LEU B 204 -38.63 -6.29 14.08
N ALA B 205 -38.12 -5.37 14.89
CA ALA B 205 -37.47 -5.73 16.15
C ALA B 205 -38.52 -6.36 17.09
N GLN B 206 -39.69 -5.72 17.18
CA GLN B 206 -40.79 -6.21 18.02
C GLN B 206 -41.22 -7.60 17.57
N GLN B 207 -41.34 -7.76 16.26
CA GLN B 207 -41.69 -9.03 15.65
C GLN B 207 -40.73 -10.14 16.16
N ASN B 208 -39.49 -9.76 16.46
CA ASN B 208 -38.53 -10.73 16.93
C ASN B 208 -38.36 -10.70 18.45
N GLY B 209 -39.28 -10.03 19.14
CA GLY B 209 -39.24 -9.99 20.60
C GLY B 209 -38.43 -8.91 21.28
N GLY B 210 -38.14 -7.83 20.56
CA GLY B 210 -37.36 -6.77 21.14
C GLY B 210 -38.06 -5.48 20.89
N ASN B 211 -37.33 -4.38 21.02
CA ASN B 211 -37.93 -3.08 20.80
C ASN B 211 -36.85 -2.08 20.47
N ILE B 212 -37.29 -0.90 20.05
CA ILE B 212 -36.38 0.17 19.73
C ILE B 212 -36.88 1.42 20.42
N THR B 213 -36.07 1.93 21.34
CA THR B 213 -36.42 3.14 22.08
C THR B 213 -35.41 4.24 21.79
N LEU B 214 -35.91 5.41 21.40
CA LEU B 214 -35.08 6.56 21.13
C LEU B 214 -35.38 7.58 22.23
N THR B 215 -34.39 7.89 23.06
CA THR B 215 -34.63 8.85 24.13
C THR B 215 -33.46 9.75 24.48
N GLU B 216 -33.79 10.95 24.93
CA GLU B 216 -32.80 11.92 25.33
C GLU B 216 -32.46 11.70 26.80
N ASP B 217 -33.24 10.85 27.46
CA ASP B 217 -33.06 10.58 28.90
C ASP B 217 -32.05 9.48 29.19
N VAL B 218 -30.86 9.87 29.64
CA VAL B 218 -29.80 8.91 29.93
C VAL B 218 -30.18 7.89 31.01
N ALA B 219 -30.67 8.41 32.14
CA ALA B 219 -31.06 7.55 33.25
C ALA B 219 -32.08 6.50 32.81
N LYS B 220 -33.18 6.96 32.20
CA LYS B 220 -34.21 6.04 31.74
C LYS B 220 -33.70 5.17 30.63
N GLY B 221 -32.96 5.79 29.70
CA GLY B 221 -32.41 5.09 28.56
C GLY B 221 -31.43 3.96 28.85
N VAL B 222 -30.57 4.12 29.84
CA VAL B 222 -29.58 3.08 30.12
C VAL B 222 -29.98 2.10 31.22
N GLU B 223 -31.14 2.31 31.83
CA GLU B 223 -31.58 1.41 32.91
C GLU B 223 -31.68 -0.06 32.46
N GLY B 224 -31.03 -0.96 33.20
CA GLY B 224 -31.05 -2.37 32.87
C GLY B 224 -30.18 -2.80 31.69
N ALA B 225 -29.34 -1.91 31.17
CA ALA B 225 -28.48 -2.25 30.05
C ALA B 225 -27.49 -3.39 30.35
N ASP B 226 -27.32 -4.27 29.38
CA ASP B 226 -26.34 -5.37 29.45
C ASP B 226 -25.03 -4.86 28.81
N PHE B 227 -25.19 -3.94 27.86
CA PHE B 227 -24.06 -3.35 27.13
C PHE B 227 -24.32 -1.87 26.83
N ILE B 228 -23.30 -1.05 27.02
CA ILE B 228 -23.38 0.37 26.66
C ILE B 228 -22.34 0.47 25.54
N TYR B 229 -22.75 1.07 24.43
CA TYR B 229 -21.94 1.18 23.22
C TYR B 229 -21.83 2.64 22.83
N THR B 230 -20.68 3.07 22.34
CA THR B 230 -20.61 4.45 21.87
C THR B 230 -19.65 4.53 20.68
N ASP B 231 -19.44 5.74 20.19
CA ASP B 231 -18.59 5.93 19.00
C ASP B 231 -18.26 7.43 18.94
N VAL B 232 -17.30 7.82 18.10
CA VAL B 232 -16.93 9.25 18.00
C VAL B 232 -18.13 10.10 17.61
N TRP B 233 -18.15 11.33 18.12
CA TRP B 233 -19.22 12.27 17.88
C TRP B 233 -19.22 12.91 16.50
N VAL B 234 -18.08 12.84 15.81
CA VAL B 234 -17.96 13.35 14.43
C VAL B 234 -17.25 12.23 13.69
N SER B 235 -17.87 11.74 12.62
CA SER B 235 -17.31 10.61 11.87
C SER B 235 -16.32 10.99 10.77
N MET B 236 -15.57 10.01 10.29
CA MET B 236 -14.60 10.26 9.21
C MET B 236 -15.30 10.88 7.99
N GLY B 237 -14.73 11.94 7.45
CA GLY B 237 -15.34 12.57 6.29
C GLY B 237 -16.21 13.78 6.57
N GLU B 238 -16.70 13.92 7.80
CA GLU B 238 -17.55 15.06 8.15
C GLU B 238 -16.66 16.26 8.31
N ALA B 239 -17.18 17.45 7.97
CA ALA B 239 -16.42 18.67 8.06
C ALA B 239 -16.00 18.89 9.51
N LYS B 240 -14.84 19.50 9.73
CA LYS B 240 -14.40 19.68 11.09
C LYS B 240 -15.28 20.61 11.93
N GLU B 241 -16.12 21.43 11.27
CA GLU B 241 -17.00 22.34 12.00
C GLU B 241 -18.07 21.59 12.78
N LYS B 242 -18.21 20.30 12.49
CA LYS B 242 -19.19 19.46 13.17
C LYS B 242 -18.83 19.20 14.62
N TRP B 243 -17.54 19.34 14.95
CA TRP B 243 -17.09 19.09 16.31
C TRP B 243 -17.70 20.02 17.34
N ALA B 244 -17.64 21.33 17.07
CA ALA B 244 -18.22 22.31 18.00
C ALA B 244 -19.70 21.98 18.21
N GLU B 245 -20.43 21.95 17.10
CA GLU B 245 -21.85 21.63 17.07
C GLU B 245 -22.14 20.32 17.83
N ARG B 246 -21.49 19.23 17.44
CA ARG B 246 -21.67 17.92 18.05
C ARG B 246 -21.30 17.81 19.53
N ILE B 247 -20.19 18.42 19.93
CA ILE B 247 -19.76 18.32 21.34
C ILE B 247 -20.71 19.08 22.24
N ALA B 248 -21.23 20.20 21.77
CA ALA B 248 -22.16 20.99 22.54
C ALA B 248 -23.38 20.12 22.80
N LEU B 249 -23.77 19.39 21.76
CA LEU B 249 -24.94 18.52 21.80
C LEU B 249 -24.71 17.21 22.53
N LEU B 250 -23.52 16.64 22.38
CA LEU B 250 -23.30 15.31 22.93
C LEU B 250 -22.44 15.15 24.17
N ARG B 251 -21.79 16.20 24.64
CA ARG B 251 -20.93 16.00 25.81
C ARG B 251 -21.69 15.41 26.98
N GLU B 252 -22.95 15.79 27.14
CA GLU B 252 -23.72 15.24 28.25
C GLU B 252 -24.05 13.78 28.05
N TYR B 253 -23.78 13.24 26.86
CA TYR B 253 -24.06 11.83 26.59
C TYR B 253 -22.80 10.99 26.59
N GLN B 254 -21.75 11.52 27.21
CA GLN B 254 -20.48 10.81 27.30
C GLN B 254 -20.64 9.52 28.09
N VAL B 255 -19.96 8.45 27.68
CA VAL B 255 -20.03 7.22 28.44
C VAL B 255 -18.91 7.29 29.50
N ASN B 256 -19.32 7.47 30.76
CA ASN B 256 -18.40 7.55 31.89
C ASN B 256 -18.94 6.70 33.05
N SER B 257 -18.19 6.62 34.15
CA SER B 257 -18.62 5.82 35.29
C SER B 257 -20.03 6.11 35.81
N LYS B 258 -20.50 7.34 35.69
CA LYS B 258 -21.84 7.65 36.16
C LYS B 258 -22.89 6.94 35.31
N MET B 259 -22.68 6.87 34.00
CA MET B 259 -23.64 6.22 33.11
C MET B 259 -23.62 4.71 33.35
N MET B 260 -22.41 4.18 33.55
CA MET B 260 -22.25 2.75 33.82
C MET B 260 -23.00 2.43 35.11
N GLN B 261 -23.00 3.38 36.05
CA GLN B 261 -23.66 3.25 37.35
C GLN B 261 -25.18 3.24 37.14
N LEU B 262 -25.66 4.15 36.30
CA LEU B 262 -27.08 4.30 36.01
C LEU B 262 -27.80 3.10 35.41
N THR B 263 -27.04 2.12 34.92
CA THR B 263 -27.66 0.93 34.34
C THR B 263 -28.16 0.03 35.48
N GLY B 264 -27.62 0.21 36.67
CA GLY B 264 -28.03 -0.58 37.81
C GLY B 264 -27.56 -2.00 37.64
N ASN B 265 -26.71 -2.22 36.63
CA ASN B 265 -26.19 -3.56 36.33
C ASN B 265 -24.67 -3.74 36.49
N PRO B 266 -24.25 -4.39 37.57
CA PRO B 266 -22.84 -4.65 37.86
C PRO B 266 -22.09 -5.43 36.77
N GLU B 267 -22.83 -6.11 35.91
CA GLU B 267 -22.21 -6.91 34.87
C GLU B 267 -22.18 -6.21 33.50
N VAL B 268 -22.69 -4.98 33.44
CA VAL B 268 -22.71 -4.27 32.17
C VAL B 268 -21.32 -4.18 31.56
N LYS B 269 -21.25 -4.40 30.26
CA LYS B 269 -19.98 -4.33 29.55
C LYS B 269 -19.99 -3.11 28.62
N PHE B 270 -18.79 -2.63 28.29
CA PHE B 270 -18.65 -1.47 27.43
C PHE B 270 -18.12 -1.87 26.06
N LEU B 271 -18.77 -1.35 25.01
CA LEU B 271 -18.41 -1.60 23.62
C LEU B 271 -18.17 -0.27 22.91
N HIS B 272 -17.26 -0.32 21.93
CA HIS B 272 -16.90 0.84 21.11
C HIS B 272 -16.31 0.29 19.80
N CYS B 273 -16.86 0.71 18.67
CA CYS B 273 -16.37 0.21 17.39
C CYS B 273 -14.90 0.57 17.15
N LEU B 274 -14.45 1.69 17.71
CA LEU B 274 -13.06 2.18 17.57
C LEU B 274 -12.87 2.68 16.13
N PRO B 275 -11.90 3.59 15.89
CA PRO B 275 -11.00 4.15 16.90
C PRO B 275 -11.78 5.05 17.87
N ALA B 276 -11.30 5.12 19.12
CA ALA B 276 -11.93 5.93 20.18
C ALA B 276 -11.03 7.06 20.64
N PHE B 277 -11.64 8.17 21.03
CA PHE B 277 -10.94 9.33 21.59
C PHE B 277 -11.18 9.26 23.12
N HIS B 278 -10.38 8.45 23.82
CA HIS B 278 -10.57 8.30 25.27
C HIS B 278 -9.47 8.90 26.16
N ASP B 279 -8.50 9.58 25.56
CA ASP B 279 -7.40 10.19 26.30
C ASP B 279 -6.74 11.20 25.35
N ASP B 280 -5.55 11.67 25.71
CA ASP B 280 -4.88 12.65 24.88
C ASP B 280 -3.71 12.05 24.11
N GLN B 281 -3.79 10.74 23.86
CA GLN B 281 -2.70 10.05 23.17
C GLN B 281 -2.80 9.95 21.64
N THR B 282 -3.57 10.84 21.04
CA THR B 282 -3.71 10.93 19.59
C THR B 282 -3.63 12.43 19.26
N THR B 283 -3.18 12.77 18.07
CA THR B 283 -3.10 14.18 17.70
C THR B 283 -4.45 14.92 17.81
N LEU B 284 -5.47 14.37 17.14
CA LEU B 284 -6.78 14.97 17.11
C LEU B 284 -7.48 14.90 18.48
N GLY B 285 -7.25 13.81 19.21
CA GLY B 285 -7.84 13.69 20.54
C GLY B 285 -7.36 14.77 21.51
N LYS B 286 -6.06 15.06 21.48
CA LYS B 286 -5.48 16.08 22.34
C LYS B 286 -5.96 17.47 21.92
N LYS B 287 -6.07 17.65 20.60
CA LYS B 287 -6.54 18.90 20.02
C LYS B 287 -7.92 19.23 20.58
N MET B 288 -8.85 18.30 20.43
CA MET B 288 -10.24 18.47 20.90
C MET B 288 -10.39 18.51 22.43
N ALA B 289 -9.53 17.79 23.14
CA ALA B 289 -9.54 17.78 24.61
C ALA B 289 -9.32 19.22 25.07
N GLU B 290 -8.33 19.90 24.49
CA GLU B 290 -8.04 21.28 24.87
C GLU B 290 -9.04 22.27 24.31
N GLU B 291 -9.39 22.12 23.03
CA GLU B 291 -10.34 23.05 22.40
C GLU B 291 -11.71 23.06 23.06
N PHE B 292 -12.10 21.94 23.66
CA PHE B 292 -13.42 21.84 24.24
C PHE B 292 -13.47 21.45 25.71
N GLY B 293 -12.33 21.53 26.39
CA GLY B 293 -12.30 21.20 27.80
C GLY B 293 -12.79 19.81 28.15
N LEU B 294 -12.39 18.82 27.37
CA LEU B 294 -12.78 17.44 27.60
C LEU B 294 -11.53 16.67 27.96
N HIS B 295 -11.22 16.66 29.25
CA HIS B 295 -10.04 15.97 29.76
C HIS B 295 -10.48 14.64 30.36
N GLY B 296 -9.76 13.57 30.04
CA GLY B 296 -10.14 12.26 30.54
C GLY B 296 -10.87 11.41 29.51
N GLY B 297 -11.12 11.97 28.32
CA GLY B 297 -11.80 11.23 27.27
C GLY B 297 -12.92 12.08 26.68
N MET B 298 -13.38 11.70 25.49
CA MET B 298 -14.46 12.43 24.85
C MET B 298 -15.74 11.58 24.91
N GLU B 299 -16.11 10.87 23.84
CA GLU B 299 -17.33 10.07 23.84
C GLU B 299 -17.37 9.04 24.97
N VAL B 300 -16.19 8.67 25.48
CA VAL B 300 -16.02 7.72 26.59
C VAL B 300 -14.78 8.13 27.37
N THR B 301 -14.81 7.92 28.68
CA THR B 301 -13.65 8.27 29.50
C THR B 301 -12.61 7.18 29.43
N ASP B 302 -11.34 7.54 29.71
CA ASP B 302 -10.27 6.54 29.68
C ASP B 302 -10.55 5.54 30.80
N GLU B 303 -11.16 6.05 31.88
CA GLU B 303 -11.53 5.24 33.04
C GLU B 303 -12.43 4.06 32.64
N VAL B 304 -13.53 4.36 31.96
CA VAL B 304 -14.43 3.30 31.50
C VAL B 304 -13.72 2.48 30.42
N PHE B 305 -13.10 3.17 29.45
CA PHE B 305 -12.40 2.50 28.36
C PHE B 305 -11.40 1.46 28.84
N GLU B 306 -10.68 1.77 29.91
CA GLU B 306 -9.67 0.82 30.39
C GLU B 306 -10.12 -0.05 31.55
N SER B 307 -11.38 0.14 31.99
CA SER B 307 -11.98 -0.60 33.10
C SER B 307 -12.21 -2.08 32.77
N ALA B 308 -12.52 -2.87 33.80
CA ALA B 308 -12.78 -4.29 33.61
C ALA B 308 -14.02 -4.54 32.75
N ALA B 309 -14.95 -3.60 32.76
CA ALA B 309 -16.18 -3.70 31.96
C ALA B 309 -15.95 -3.57 30.45
N SER B 310 -14.81 -2.99 30.07
CA SER B 310 -14.51 -2.77 28.66
C SER B 310 -14.14 -4.04 27.91
N ILE B 311 -14.86 -4.34 26.82
CA ILE B 311 -14.52 -5.52 26.02
C ILE B 311 -14.24 -5.14 24.54
N VAL B 312 -13.83 -3.88 24.32
CA VAL B 312 -13.58 -3.38 22.96
C VAL B 312 -12.51 -4.14 22.18
N PHE B 313 -11.56 -4.78 22.84
CA PHE B 313 -10.56 -5.49 22.08
C PHE B 313 -11.01 -6.88 21.68
N ASP B 314 -12.02 -7.40 22.38
CA ASP B 314 -12.58 -8.70 22.01
C ASP B 314 -13.45 -8.41 20.78
N GLN B 315 -14.13 -7.28 20.84
CA GLN B 315 -14.99 -6.77 19.80
C GLN B 315 -14.15 -6.52 18.53
N ALA B 316 -13.01 -5.87 18.70
CA ALA B 316 -12.13 -5.57 17.58
C ALA B 316 -11.63 -6.85 16.93
N GLU B 317 -11.21 -7.81 17.75
CA GLU B 317 -10.75 -9.09 17.22
C GLU B 317 -11.82 -9.77 16.35
N ASN B 318 -13.06 -9.70 16.81
CA ASN B 318 -14.16 -10.33 16.09
C ASN B 318 -14.45 -9.69 14.75
N ARG B 319 -13.87 -8.50 14.52
CA ARG B 319 -14.05 -7.85 13.23
C ARG B 319 -13.46 -8.77 12.15
N MET B 320 -12.35 -9.43 12.48
CA MET B 320 -11.68 -10.27 11.51
C MET B 320 -12.42 -11.59 11.29
N HIS B 321 -12.90 -12.19 12.37
CA HIS B 321 -13.61 -13.46 12.24
C HIS B 321 -14.92 -13.32 11.45
N THR B 322 -15.67 -12.24 11.70
CA THR B 322 -16.91 -12.05 10.98
C THR B 322 -16.67 -11.65 9.53
N ILE B 323 -15.61 -10.89 9.26
CA ILE B 323 -15.31 -10.51 7.88
C ILE B 323 -14.89 -11.76 7.09
N LYS B 324 -14.18 -12.67 7.76
CA LYS B 324 -13.78 -13.91 7.12
C LYS B 324 -15.04 -14.69 6.74
N ALA B 325 -16.03 -14.73 7.64
CA ALA B 325 -17.28 -15.44 7.37
C ALA B 325 -18.01 -14.85 6.15
N VAL B 326 -18.06 -13.52 6.07
CA VAL B 326 -18.71 -12.89 4.92
C VAL B 326 -18.05 -13.32 3.61
N MET B 327 -16.72 -13.30 3.55
CA MET B 327 -16.00 -13.67 2.33
C MET B 327 -16.14 -15.15 2.02
N VAL B 328 -16.07 -15.99 3.04
CA VAL B 328 -16.22 -17.43 2.81
C VAL B 328 -17.64 -17.77 2.33
N ALA B 329 -18.64 -17.18 2.98
CA ALA B 329 -20.04 -17.42 2.65
C ALA B 329 -20.40 -16.95 1.25
N THR B 330 -19.92 -15.77 0.86
CA THR B 330 -20.25 -15.25 -0.46
C THR B 330 -19.37 -15.73 -1.61
N LEU B 331 -18.19 -16.27 -1.30
CA LEU B 331 -17.29 -16.71 -2.36
C LEU B 331 -17.10 -18.22 -2.51
N SER B 332 -17.59 -18.99 -1.54
CA SER B 332 -17.50 -20.45 -1.62
C SER B 332 -18.77 -21.17 -1.15
N LYS B 333 -18.89 -22.43 -1.54
CA LYS B 333 -20.04 -23.27 -1.20
C LYS B 333 -19.61 -24.51 -0.44
N SER C 1 13.08 -19.02 -24.48
CA SER C 1 13.75 -17.72 -24.22
C SER C 1 13.60 -16.73 -25.39
N GLY C 2 14.56 -15.82 -25.49
CA GLY C 2 14.54 -14.77 -26.51
C GLY C 2 14.00 -13.59 -25.73
N PHE C 3 13.17 -13.94 -24.77
CA PHE C 3 12.52 -13.00 -23.88
C PHE C 3 13.17 -13.07 -22.50
N TYR C 4 13.88 -14.18 -22.24
CA TYR C 4 14.52 -14.39 -20.95
C TYR C 4 15.35 -13.22 -20.40
N HIS C 5 14.86 -12.66 -19.30
CA HIS C 5 15.43 -11.51 -18.61
C HIS C 5 15.55 -10.26 -19.46
N LYS C 6 14.75 -10.20 -20.52
CA LYS C 6 14.77 -9.03 -21.38
C LYS C 6 13.86 -8.00 -20.68
N HIS C 7 14.21 -6.73 -20.79
CA HIS C 7 13.41 -5.69 -20.22
C HIS C 7 12.22 -5.45 -21.17
N PHE C 8 11.16 -4.79 -20.71
CA PHE C 8 10.03 -4.49 -21.59
C PHE C 8 9.79 -2.99 -21.40
N LEU C 9 10.55 -2.17 -22.12
CA LEU C 9 10.49 -0.73 -21.93
C LEU C 9 9.73 0.08 -23.00
N LYS C 10 9.54 -0.53 -24.17
CA LYS C 10 8.82 0.07 -25.30
C LYS C 10 8.73 -1.03 -26.34
N LEU C 11 7.81 -0.91 -27.29
CA LEU C 11 7.59 -1.96 -28.29
C LEU C 11 8.67 -2.14 -29.36
N LEU C 12 9.33 -1.06 -29.78
CA LEU C 12 10.35 -1.18 -30.81
C LEU C 12 11.56 -1.98 -30.33
N ASP C 13 11.55 -2.43 -29.09
CA ASP C 13 12.64 -3.23 -28.58
C ASP C 13 12.37 -4.69 -28.91
N PHE C 14 11.28 -4.93 -29.63
CA PHE C 14 10.90 -6.29 -30.04
C PHE C 14 10.61 -6.37 -31.52
N THR C 15 10.57 -7.59 -32.02
CA THR C 15 10.30 -7.80 -33.44
C THR C 15 8.85 -8.22 -33.58
N PRO C 16 8.33 -8.13 -34.82
CA PRO C 16 6.94 -8.52 -35.07
C PRO C 16 6.74 -9.93 -34.58
N ALA C 17 7.76 -10.77 -34.77
CA ALA C 17 7.69 -12.17 -34.36
C ALA C 17 7.55 -12.32 -32.84
N GLU C 18 8.32 -11.52 -32.10
CA GLU C 18 8.28 -11.55 -30.65
C GLU C 18 6.92 -11.07 -30.16
N LEU C 19 6.42 -10.00 -30.79
CA LEU C 19 5.10 -9.46 -30.47
C LEU C 19 4.00 -10.53 -30.59
N ASN C 20 4.00 -11.26 -31.70
CA ASN C 20 2.97 -12.30 -31.89
C ASN C 20 3.06 -13.38 -30.83
N SER C 21 4.28 -13.77 -30.46
CA SER C 21 4.52 -14.78 -29.42
C SER C 21 3.92 -14.37 -28.07
N LEU C 22 4.18 -13.12 -27.67
CA LEU C 22 3.63 -12.62 -26.42
C LEU C 22 2.09 -12.59 -26.52
N LEU C 23 1.56 -12.10 -27.64
CA LEU C 23 0.11 -12.08 -27.83
C LEU C 23 -0.46 -13.50 -27.75
N GLN C 24 0.26 -14.47 -28.29
CA GLN C 24 -0.20 -15.86 -28.25
C GLN C 24 -0.11 -16.40 -26.82
N LEU C 25 0.95 -16.03 -26.11
CA LEU C 25 1.11 -16.48 -24.74
C LEU C 25 -0.05 -15.89 -23.90
N ALA C 26 -0.30 -14.59 -24.10
CA ALA C 26 -1.38 -13.92 -23.37
C ALA C 26 -2.73 -14.62 -23.58
N ALA C 27 -3.00 -14.97 -24.84
CA ALA C 27 -4.24 -15.64 -25.22
C ALA C 27 -4.34 -17.01 -24.54
N LYS C 28 -3.21 -17.71 -24.45
CA LYS C 28 -3.16 -19.03 -23.82
C LYS C 28 -3.38 -18.93 -22.30
N LEU C 29 -2.68 -17.98 -21.69
CA LEU C 29 -2.79 -17.75 -20.25
C LEU C 29 -4.22 -17.33 -19.87
N LYS C 30 -4.86 -16.56 -20.76
CA LYS C 30 -6.24 -16.10 -20.57
C LYS C 30 -7.22 -17.28 -20.57
N ALA C 31 -7.02 -18.19 -21.53
CA ALA C 31 -7.89 -19.36 -21.64
C ALA C 31 -7.61 -20.30 -20.48
N ASP C 32 -6.34 -20.49 -20.11
CA ASP C 32 -6.03 -21.38 -18.99
C ASP C 32 -6.71 -20.90 -17.71
N LYS C 33 -6.62 -19.60 -17.41
CA LYS C 33 -7.27 -19.07 -16.21
C LYS C 33 -8.78 -19.31 -16.22
N LYS C 34 -9.43 -18.96 -17.33
CA LYS C 34 -10.89 -19.11 -17.48
C LYS C 34 -11.36 -20.56 -17.39
N SER C 35 -10.54 -21.48 -17.90
CA SER C 35 -10.87 -22.89 -17.89
C SER C 35 -10.37 -23.52 -16.60
N GLY C 36 -9.62 -22.77 -15.82
CA GLY C 36 -9.13 -23.30 -14.57
C GLY C 36 -7.95 -24.25 -14.71
N LYS C 37 -7.21 -24.18 -15.81
CA LYS C 37 -6.06 -25.07 -15.99
C LYS C 37 -4.77 -24.26 -15.98
N GLU C 38 -4.81 -23.15 -15.25
CA GLU C 38 -3.65 -22.28 -15.17
C GLU C 38 -2.53 -22.94 -14.40
N GLU C 39 -1.38 -23.01 -15.04
CA GLU C 39 -0.22 -23.61 -14.42
C GLU C 39 0.76 -22.52 -14.05
N ALA C 40 0.97 -22.31 -12.75
CA ALA C 40 1.87 -21.26 -12.26
C ALA C 40 3.33 -21.51 -12.62
N LYS C 41 3.98 -20.51 -13.22
CA LYS C 41 5.37 -20.57 -13.65
C LYS C 41 6.28 -19.66 -12.84
N LEU C 42 5.69 -18.82 -12.00
CA LEU C 42 6.47 -17.83 -11.23
C LEU C 42 6.43 -18.04 -9.71
N THR C 43 6.18 -19.28 -9.29
CA THR C 43 6.09 -19.57 -7.88
C THR C 43 7.36 -19.16 -7.13
N GLY C 44 7.20 -18.45 -6.02
CA GLY C 44 8.35 -18.05 -5.25
C GLY C 44 9.03 -16.79 -5.73
N LYS C 45 8.58 -16.24 -6.84
CA LYS C 45 9.16 -15.02 -7.37
C LYS C 45 8.59 -13.79 -6.64
N ASN C 46 9.47 -12.82 -6.38
CA ASN C 46 9.13 -11.55 -5.72
C ASN C 46 9.31 -10.37 -6.69
N ILE C 47 8.25 -9.59 -6.85
CA ILE C 47 8.28 -8.48 -7.78
C ILE C 47 8.01 -7.14 -7.12
N ALA C 48 8.84 -6.15 -7.44
CA ALA C 48 8.67 -4.79 -6.90
C ALA C 48 7.85 -3.95 -7.88
N LEU C 49 6.85 -3.24 -7.37
CA LEU C 49 5.99 -2.42 -8.23
C LEU C 49 6.14 -0.95 -7.85
N ILE C 50 6.97 -0.23 -8.61
CA ILE C 50 7.18 1.19 -8.33
C ILE C 50 6.17 2.00 -9.09
N PHE C 51 5.42 2.83 -8.36
CA PHE C 51 4.39 3.68 -8.97
C PHE C 51 4.60 5.12 -8.53
N GLU C 52 5.03 5.97 -9.46
CA GLU C 52 5.22 7.37 -9.16
C GLU C 52 4.01 8.14 -9.64
N LYS C 53 3.06 7.44 -10.24
CA LYS C 53 1.83 8.03 -10.74
C LYS C 53 0.72 7.11 -10.28
N ASP C 54 -0.52 7.61 -10.34
CA ASP C 54 -1.68 6.83 -9.94
C ASP C 54 -1.94 5.68 -10.92
N SER C 55 -2.67 4.68 -10.44
CA SER C 55 -3.02 3.55 -11.25
C SER C 55 -4.07 2.59 -10.68
N THR C 56 -5.01 2.20 -11.53
CA THR C 56 -6.02 1.19 -11.19
C THR C 56 -5.68 -0.03 -12.09
N ARG C 57 -5.83 0.11 -13.41
CA ARG C 57 -5.57 -1.03 -14.29
C ARG C 57 -4.18 -1.66 -14.24
N THR C 58 -3.14 -0.86 -14.39
CA THR C 58 -1.79 -1.40 -14.42
C THR C 58 -1.42 -2.04 -13.06
N ARG C 59 -1.72 -1.32 -11.98
CA ARG C 59 -1.44 -1.80 -10.64
C ARG C 59 -2.13 -3.17 -10.45
N CYS C 60 -3.42 -3.23 -10.73
CA CYS C 60 -4.16 -4.46 -10.53
C CYS C 60 -3.74 -5.59 -11.46
N SER C 61 -3.34 -5.25 -12.69
CA SER C 61 -2.91 -6.27 -13.63
C SER C 61 -1.67 -6.97 -13.13
N PHE C 62 -0.69 -6.19 -12.69
CA PHE C 62 0.56 -6.77 -12.17
C PHE C 62 0.32 -7.59 -10.91
N GLU C 63 -0.57 -7.14 -10.04
CA GLU C 63 -0.86 -7.87 -8.80
C GLU C 63 -1.58 -9.19 -9.09
N VAL C 64 -2.72 -9.13 -9.80
CA VAL C 64 -3.44 -10.35 -10.10
C VAL C 64 -2.59 -11.32 -10.94
N ALA C 65 -1.94 -10.81 -11.99
CA ALA C 65 -1.11 -11.66 -12.82
C ALA C 65 -0.04 -12.39 -11.95
N ALA C 66 0.65 -11.66 -11.08
CA ALA C 66 1.65 -12.25 -10.19
C ALA C 66 1.02 -13.31 -9.28
N TYR C 67 -0.08 -12.97 -8.62
CA TYR C 67 -0.76 -13.91 -7.72
C TYR C 67 -1.19 -15.20 -8.43
N ASP C 68 -1.83 -15.06 -9.59
CA ASP C 68 -2.27 -16.22 -10.40
C ASP C 68 -1.05 -17.11 -10.74
N GLN C 69 0.10 -16.48 -10.94
CA GLN C 69 1.33 -17.19 -11.29
C GLN C 69 2.22 -17.62 -10.11
N GLY C 70 1.72 -17.48 -8.88
CA GLY C 70 2.48 -17.88 -7.71
C GLY C 70 3.56 -16.94 -7.20
N ALA C 71 3.58 -15.71 -7.73
CA ALA C 71 4.56 -14.72 -7.31
C ALA C 71 3.93 -13.81 -6.25
N ARG C 72 4.78 -12.99 -5.63
CA ARG C 72 4.31 -12.04 -4.63
C ARG C 72 4.77 -10.65 -5.06
N VAL C 73 4.04 -9.62 -4.62
CA VAL C 73 4.40 -8.23 -4.98
C VAL C 73 4.50 -7.26 -3.80
N THR C 74 5.31 -6.22 -3.99
CA THR C 74 5.49 -5.14 -3.03
C THR C 74 5.18 -3.87 -3.82
N TYR C 75 4.11 -3.21 -3.42
CA TYR C 75 3.65 -1.97 -4.03
C TYR C 75 4.35 -0.80 -3.35
N LEU C 76 5.10 -0.02 -4.11
CA LEU C 76 5.84 1.13 -3.62
C LEU C 76 5.17 2.29 -4.34
N GLY C 77 4.16 2.87 -3.69
CA GLY C 77 3.39 3.95 -4.28
C GLY C 77 4.00 5.33 -4.28
N PRO C 78 3.29 6.35 -4.83
CA PRO C 78 3.80 7.73 -4.90
C PRO C 78 4.35 8.27 -3.59
N SER C 79 3.87 7.75 -2.47
CA SER C 79 4.35 8.17 -1.16
C SER C 79 4.72 6.91 -0.35
N GLY C 80 5.57 7.08 0.67
CA GLY C 80 5.96 5.95 1.49
C GLY C 80 7.40 5.44 1.37
N SER C 81 8.05 5.56 0.20
CA SER C 81 9.45 5.11 0.03
C SER C 81 10.40 6.31 -0.15
N GLN C 82 11.64 6.04 -0.58
CA GLN C 82 12.66 7.09 -0.80
C GLN C 82 12.78 7.56 -2.29
N ILE C 83 12.18 6.78 -3.20
CA ILE C 83 12.19 7.00 -4.65
C ILE C 83 11.85 8.43 -5.17
N GLY C 84 12.75 8.95 -6.01
CA GLY C 84 12.57 10.27 -6.57
C GLY C 84 13.28 11.39 -5.83
N HIS C 85 12.86 11.63 -4.60
CA HIS C 85 13.38 12.71 -3.76
C HIS C 85 14.67 12.49 -2.97
N LYS C 86 14.58 11.60 -1.98
CA LYS C 86 15.70 11.28 -1.12
C LYS C 86 16.80 10.38 -1.72
N GLU C 87 16.51 9.69 -2.84
CA GLU C 87 17.49 8.75 -3.41
C GLU C 87 17.46 8.62 -4.92
N SER C 88 18.67 8.52 -5.50
CA SER C 88 18.82 8.41 -6.93
C SER C 88 18.24 7.12 -7.47
N ILE C 89 17.81 7.15 -8.73
CA ILE C 89 17.25 6.00 -9.42
C ILE C 89 18.29 4.89 -9.48
N LYS C 90 19.53 5.28 -9.74
CA LYS C 90 20.66 4.37 -9.85
C LYS C 90 20.80 3.58 -8.54
N ASP C 91 20.66 4.27 -7.41
CA ASP C 91 20.76 3.61 -6.11
C ASP C 91 19.57 2.70 -5.86
N THR C 92 18.38 3.22 -6.13
CA THR C 92 17.18 2.42 -5.95
C THR C 92 17.25 1.12 -6.78
N ALA C 93 17.75 1.20 -8.01
CA ALA C 93 17.84 0.04 -8.91
C ALA C 93 18.72 -1.04 -8.33
N ARG C 94 19.91 -0.64 -7.87
CA ARG C 94 20.85 -1.60 -7.33
C ARG C 94 20.37 -2.22 -6.01
N VAL C 95 19.56 -1.49 -5.26
CA VAL C 95 19.01 -2.03 -4.00
C VAL C 95 17.90 -3.05 -4.31
N LEU C 96 16.90 -2.64 -5.10
CA LEU C 96 15.80 -3.53 -5.46
C LEU C 96 16.30 -4.75 -6.20
N GLY C 97 17.32 -4.57 -7.03
CA GLY C 97 17.87 -5.69 -7.79
C GLY C 97 18.51 -6.77 -6.93
N ARG C 98 18.85 -6.43 -5.70
CA ARG C 98 19.46 -7.37 -4.76
C ARG C 98 18.40 -8.12 -3.97
N MET C 99 17.13 -7.78 -4.17
CA MET C 99 16.06 -8.40 -3.41
C MET C 99 14.90 -8.95 -4.21
N TYR C 100 14.68 -8.43 -5.40
CA TYR C 100 13.55 -8.83 -6.22
C TYR C 100 13.97 -9.54 -7.51
N ASP C 101 13.02 -10.28 -8.08
CA ASP C 101 13.25 -11.01 -9.33
C ASP C 101 12.87 -10.15 -10.54
N GLY C 102 12.02 -9.15 -10.31
CA GLY C 102 11.59 -8.27 -11.39
C GLY C 102 11.08 -6.95 -10.84
N ILE C 103 11.07 -5.91 -11.67
CA ILE C 103 10.64 -4.60 -11.24
C ILE C 103 9.76 -3.92 -12.28
N GLN C 104 8.59 -3.47 -11.85
CA GLN C 104 7.70 -2.74 -12.74
C GLN C 104 7.89 -1.32 -12.32
N TYR C 105 7.88 -0.41 -13.29
CA TYR C 105 8.00 1.00 -13.00
C TYR C 105 7.02 1.81 -13.84
N ARG C 106 6.24 2.66 -13.16
CA ARG C 106 5.33 3.60 -13.81
C ARG C 106 5.75 4.98 -13.30
N GLY C 107 5.95 5.93 -14.23
CA GLY C 107 6.36 7.23 -13.77
C GLY C 107 6.48 8.30 -14.83
N TYR C 108 7.58 9.02 -14.78
CA TYR C 108 7.83 10.13 -15.67
C TYR C 108 8.71 9.88 -16.88
N GLY C 109 9.84 10.55 -16.96
CA GLY C 109 10.69 10.38 -18.14
C GLY C 109 11.13 8.96 -18.45
N GLN C 110 11.12 8.61 -19.73
CA GLN C 110 11.56 7.29 -20.18
C GLN C 110 13.00 7.02 -19.72
N GLU C 111 13.77 8.09 -19.54
CA GLU C 111 15.14 7.92 -19.11
C GLU C 111 15.19 7.30 -17.70
N ILE C 112 14.15 7.53 -16.89
CA ILE C 112 14.14 6.96 -15.54
C ILE C 112 14.07 5.45 -15.66
N VAL C 113 13.14 4.96 -16.47
CA VAL C 113 12.98 3.52 -16.62
C VAL C 113 14.18 2.88 -17.31
N GLU C 114 14.84 3.65 -18.18
CA GLU C 114 16.04 3.15 -18.88
C GLU C 114 17.19 3.07 -17.84
N THR C 115 17.29 4.06 -16.96
CA THR C 115 18.32 4.03 -15.94
C THR C 115 18.06 2.89 -14.97
N LEU C 116 16.81 2.72 -14.60
CA LEU C 116 16.42 1.65 -13.70
C LEU C 116 16.82 0.30 -14.32
N ALA C 117 16.50 0.14 -15.61
CA ALA C 117 16.80 -1.09 -16.35
C ALA C 117 18.33 -1.28 -16.43
N GLU C 118 19.04 -0.18 -16.54
CA GLU C 118 20.50 -0.20 -16.62
C GLU C 118 21.14 -0.79 -15.35
N TYR C 119 20.70 -0.36 -14.19
CA TYR C 119 21.29 -0.79 -12.93
C TYR C 119 20.62 -1.83 -12.07
N ALA C 120 19.44 -2.28 -12.46
CA ALA C 120 18.72 -3.26 -11.63
C ALA C 120 19.29 -4.67 -11.67
N SER C 121 19.77 -5.10 -12.84
CA SER C 121 20.32 -6.44 -13.07
C SER C 121 19.24 -7.52 -13.04
N VAL C 122 17.98 -7.11 -13.05
CA VAL C 122 16.82 -8.02 -13.10
C VAL C 122 15.89 -7.37 -14.14
N PRO C 123 14.96 -8.15 -14.72
CA PRO C 123 14.05 -7.56 -15.71
C PRO C 123 13.24 -6.36 -15.19
N VAL C 124 13.18 -5.30 -16.01
CA VAL C 124 12.42 -4.11 -15.69
C VAL C 124 11.31 -3.94 -16.74
N TRP C 125 10.09 -3.67 -16.29
CA TRP C 125 8.97 -3.50 -17.20
C TRP C 125 8.39 -2.11 -17.01
N ASN C 126 8.17 -1.43 -18.14
CA ASN C 126 7.60 -0.08 -18.18
C ASN C 126 6.04 -0.13 -18.08
N GLY C 127 5.50 0.26 -16.94
CA GLY C 127 4.05 0.25 -16.74
C GLY C 127 3.40 1.58 -17.07
N LEU C 128 4.17 2.42 -17.76
CA LEU C 128 3.85 3.76 -18.27
C LEU C 128 4.88 4.85 -17.89
N THR C 129 5.33 5.58 -18.91
CA THR C 129 6.24 6.72 -18.76
C THR C 129 5.59 7.86 -19.57
N ASN C 130 6.18 9.04 -19.53
CA ASN C 130 5.63 10.16 -20.30
C ASN C 130 5.65 9.83 -21.79
N GLU C 131 6.65 9.08 -22.22
CA GLU C 131 6.83 8.77 -23.63
C GLU C 131 6.19 7.50 -24.21
N PHE C 132 6.17 6.42 -23.42
CA PHE C 132 5.62 5.13 -23.89
C PHE C 132 4.76 4.37 -22.87
N HIS C 133 3.87 3.51 -23.37
CA HIS C 133 3.00 2.68 -22.53
C HIS C 133 2.81 1.35 -23.32
N PRO C 134 3.90 0.57 -23.46
CA PRO C 134 3.84 -0.70 -24.20
C PRO C 134 2.89 -1.80 -23.77
N THR C 135 2.71 -2.00 -22.45
CA THR C 135 1.81 -3.05 -22.01
C THR C 135 0.38 -2.74 -22.44
N GLN C 136 0.04 -1.46 -22.53
CA GLN C 136 -1.32 -1.07 -22.97
C GLN C 136 -1.56 -1.55 -24.42
N LEU C 137 -0.60 -1.33 -25.31
CA LEU C 137 -0.79 -1.75 -26.69
C LEU C 137 -0.89 -3.28 -26.83
N LEU C 138 -0.24 -4.01 -25.94
CA LEU C 138 -0.36 -5.46 -26.03
C LEU C 138 -1.83 -5.82 -25.81
N ALA C 139 -2.42 -5.23 -24.77
CA ALA C 139 -3.81 -5.48 -24.45
C ALA C 139 -4.75 -5.09 -25.61
N ASP C 140 -4.49 -3.91 -26.19
CA ASP C 140 -5.26 -3.37 -27.32
C ASP C 140 -5.15 -4.31 -28.53
N LEU C 141 -3.93 -4.71 -28.87
CA LEU C 141 -3.76 -5.62 -30.01
C LEU C 141 -4.50 -6.94 -29.80
N LEU C 142 -4.40 -7.49 -28.59
CA LEU C 142 -5.06 -8.77 -28.33
C LEU C 142 -6.56 -8.56 -28.47
N THR C 143 -7.05 -7.43 -27.98
CA THR C 143 -8.48 -7.11 -28.01
C THR C 143 -9.02 -7.02 -29.43
N MET C 144 -8.23 -6.38 -30.30
CA MET C 144 -8.58 -6.20 -31.70
C MET C 144 -8.63 -7.54 -32.43
N GLN C 145 -7.64 -8.40 -32.16
CA GLN C 145 -7.62 -9.73 -32.77
C GLN C 145 -8.88 -10.47 -32.39
N GLU C 146 -9.20 -10.44 -31.09
CA GLU C 146 -10.39 -11.11 -30.61
C GLU C 146 -11.66 -10.56 -31.24
N HIS C 147 -11.68 -9.27 -31.56
CA HIS C 147 -12.88 -8.69 -32.14
C HIS C 147 -12.97 -8.73 -33.65
N LEU C 148 -11.90 -9.16 -34.31
CA LEU C 148 -11.86 -9.32 -35.75
C LEU C 148 -11.07 -10.61 -35.90
N PRO C 149 -11.62 -11.72 -35.36
CA PRO C 149 -10.93 -13.02 -35.44
C PRO C 149 -10.53 -13.44 -36.85
N GLY C 150 -9.39 -14.10 -36.93
CA GLY C 150 -8.92 -14.54 -38.22
C GLY C 150 -8.25 -13.44 -39.02
N LYS C 151 -8.55 -12.18 -38.74
CA LYS C 151 -7.91 -11.12 -39.50
C LYS C 151 -6.52 -10.82 -38.98
N ALA C 152 -5.61 -10.51 -39.90
CA ALA C 152 -4.24 -10.16 -39.54
C ALA C 152 -4.26 -8.65 -39.29
N PHE C 153 -3.24 -8.14 -38.60
CA PHE C 153 -3.19 -6.72 -38.32
C PHE C 153 -3.11 -5.82 -39.55
N ASN C 154 -2.41 -6.24 -40.61
CA ASN C 154 -2.36 -5.36 -41.79
C ASN C 154 -3.70 -5.28 -42.51
N GLU C 155 -4.67 -6.11 -42.09
CA GLU C 155 -6.03 -6.11 -42.63
C GLU C 155 -6.96 -5.18 -41.81
N MET C 156 -6.42 -4.58 -40.74
CA MET C 156 -7.19 -3.71 -39.87
C MET C 156 -6.77 -2.25 -39.94
N THR C 157 -7.76 -1.36 -39.82
CA THR C 157 -7.51 0.09 -39.83
C THR C 157 -7.78 0.58 -38.40
N LEU C 158 -6.77 1.18 -37.77
CA LEU C 158 -6.95 1.69 -36.43
C LEU C 158 -6.79 3.21 -36.40
N VAL C 159 -7.78 3.89 -35.84
CA VAL C 159 -7.72 5.33 -35.74
C VAL C 159 -7.49 5.70 -34.28
N TYR C 160 -6.56 6.62 -34.04
CA TYR C 160 -6.33 7.14 -32.69
C TYR C 160 -6.60 8.62 -32.89
N ALA C 161 -7.61 9.14 -32.22
CA ALA C 161 -7.96 10.56 -32.33
C ALA C 161 -7.60 11.30 -31.05
N GLY C 162 -7.15 12.55 -31.19
CA GLY C 162 -6.82 13.38 -30.03
C GLY C 162 -5.37 13.81 -29.87
N ASP C 163 -4.84 13.64 -28.65
CA ASP C 163 -3.45 14.02 -28.37
C ASP C 163 -2.54 12.90 -28.85
N ALA C 164 -2.07 13.02 -30.09
CA ALA C 164 -1.23 12.02 -30.68
C ALA C 164 0.25 12.12 -30.31
N ARG C 165 0.59 13.04 -29.42
CA ARG C 165 1.99 13.14 -29.03
C ARG C 165 2.21 12.76 -27.57
N ASN C 166 1.19 12.19 -26.93
CA ASN C 166 1.34 11.72 -25.56
C ASN C 166 1.91 10.28 -25.65
N ASN C 167 2.03 9.58 -24.52
CA ASN C 167 2.59 8.23 -24.50
C ASN C 167 1.84 7.24 -25.39
N MET C 168 0.52 7.41 -25.47
CA MET C 168 -0.30 6.54 -26.29
C MET C 168 -0.06 6.83 -27.76
N GLY C 169 0.05 8.11 -28.13
CA GLY C 169 0.33 8.45 -29.51
C GLY C 169 1.63 7.79 -29.96
N ASN C 170 2.69 7.90 -29.16
CA ASN C 170 3.99 7.28 -29.49
C ASN C 170 3.92 5.77 -29.54
N SER C 171 3.08 5.18 -28.68
CA SER C 171 2.96 3.74 -28.65
C SER C 171 2.13 3.21 -29.83
N MET C 172 1.21 4.02 -30.34
CA MET C 172 0.41 3.63 -31.51
C MET C 172 1.41 3.49 -32.67
N LEU C 173 2.27 4.47 -32.80
CA LEU C 173 3.27 4.46 -33.85
C LEU C 173 4.06 3.16 -33.77
N GLU C 174 4.55 2.83 -32.57
CA GLU C 174 5.34 1.61 -32.37
C GLU C 174 4.57 0.38 -32.75
N ALA C 175 3.31 0.34 -32.35
CA ALA C 175 2.45 -0.80 -32.61
C ALA C 175 2.28 -1.04 -34.11
N ALA C 176 2.13 0.05 -34.87
CA ALA C 176 1.95 -0.06 -36.31
C ALA C 176 3.22 -0.63 -36.95
N ALA C 177 4.37 -0.14 -36.48
CA ALA C 177 5.69 -0.56 -36.96
C ALA C 177 5.92 -2.07 -36.88
N LEU C 178 5.34 -2.69 -35.86
CA LEU C 178 5.48 -4.12 -35.63
C LEU C 178 4.34 -4.98 -36.13
N THR C 179 3.27 -4.37 -36.62
CA THR C 179 2.11 -5.14 -37.05
C THR C 179 1.70 -4.87 -38.48
N GLY C 180 2.10 -3.72 -39.01
CA GLY C 180 1.69 -3.39 -40.36
C GLY C 180 0.23 -2.94 -40.37
N LEU C 181 -0.25 -2.43 -39.23
CA LEU C 181 -1.63 -1.93 -39.14
C LEU C 181 -1.74 -0.74 -40.08
N ASP C 182 -2.96 -0.45 -40.52
CA ASP C 182 -3.25 0.76 -41.31
C ASP C 182 -3.62 1.76 -40.18
N LEU C 183 -2.61 2.46 -39.65
CA LEU C 183 -2.80 3.41 -38.56
C LEU C 183 -3.06 4.84 -38.99
N ARG C 184 -4.09 5.43 -38.39
CA ARG C 184 -4.44 6.80 -38.69
C ARG C 184 -4.39 7.58 -37.37
N LEU C 185 -3.55 8.59 -37.32
CA LEU C 185 -3.50 9.42 -36.15
C LEU C 185 -4.25 10.66 -36.61
N VAL C 186 -5.44 10.86 -36.07
CA VAL C 186 -6.27 12.01 -36.42
C VAL C 186 -6.19 13.07 -35.31
N ALA C 187 -5.40 14.12 -35.55
CA ALA C 187 -5.16 15.18 -34.58
C ALA C 187 -4.64 16.50 -35.17
N PRO C 188 -4.73 17.59 -34.40
CA PRO C 188 -4.24 18.87 -34.91
C PRO C 188 -2.71 18.76 -35.00
N GLN C 189 -2.10 19.42 -35.99
CA GLN C 189 -0.64 19.35 -36.18
C GLN C 189 0.14 19.64 -34.90
N ALA C 190 -0.39 20.52 -34.05
CA ALA C 190 0.26 20.86 -32.78
C ALA C 190 0.47 19.61 -31.87
N CYS C 191 -0.38 18.59 -32.04
CA CYS C 191 -0.30 17.37 -31.23
C CYS C 191 0.21 16.18 -32.01
N TRP C 192 0.97 16.44 -33.06
CA TRP C 192 1.52 15.34 -33.83
C TRP C 192 2.80 14.87 -33.14
N PRO C 193 3.05 13.55 -33.17
CA PRO C 193 4.26 13.02 -32.52
C PRO C 193 5.53 13.42 -33.30
N GLU C 194 6.69 13.20 -32.69
CA GLU C 194 7.96 13.57 -33.31
C GLU C 194 8.15 12.93 -34.72
N ALA C 195 8.32 13.80 -35.71
CA ALA C 195 8.49 13.39 -37.12
C ALA C 195 9.46 12.22 -37.29
N ALA C 196 10.58 12.30 -36.60
CA ALA C 196 11.62 11.26 -36.67
C ALA C 196 11.10 9.87 -36.27
N LEU C 197 10.29 9.82 -35.22
CA LEU C 197 9.74 8.55 -34.77
C LEU C 197 8.67 8.12 -35.78
N VAL C 198 7.89 9.09 -36.28
CA VAL C 198 6.86 8.75 -37.25
C VAL C 198 7.50 8.06 -38.48
N THR C 199 8.53 8.71 -39.03
CA THR C 199 9.25 8.20 -40.21
C THR C 199 9.85 6.81 -39.96
N GLU C 200 10.54 6.66 -38.83
CA GLU C 200 11.13 5.38 -38.51
C GLU C 200 10.03 4.32 -38.45
N CYS C 201 8.95 4.62 -37.72
CA CYS C 201 7.83 3.68 -37.56
C CYS C 201 7.01 3.43 -38.80
N ARG C 202 6.90 4.43 -39.67
CA ARG C 202 6.14 4.26 -40.90
C ARG C 202 6.84 3.24 -41.83
N ALA C 203 8.16 3.40 -42.01
CA ALA C 203 8.93 2.48 -42.85
C ALA C 203 8.71 1.03 -42.41
N LEU C 204 8.81 0.77 -41.11
CA LEU C 204 8.61 -0.58 -40.55
C LEU C 204 7.18 -1.12 -40.72
N ALA C 205 6.17 -0.25 -40.56
CA ALA C 205 4.77 -0.66 -40.69
C ALA C 205 4.51 -1.08 -42.14
N GLN C 206 5.04 -0.30 -43.07
CA GLN C 206 4.89 -0.60 -44.50
C GLN C 206 5.58 -1.93 -44.80
N GLN C 207 6.75 -2.15 -44.22
CA GLN C 207 7.47 -3.42 -44.40
C GLN C 207 6.52 -4.55 -44.03
N ASN C 208 5.61 -4.27 -43.10
CA ASN C 208 4.68 -5.27 -42.64
C ASN C 208 3.30 -5.22 -43.32
N GLY C 209 3.24 -4.44 -44.40
CA GLY C 209 2.02 -4.34 -45.17
C GLY C 209 1.02 -3.32 -44.67
N GLY C 210 1.49 -2.36 -43.88
CA GLY C 210 0.59 -1.36 -43.35
C GLY C 210 0.99 0.06 -43.67
N ASN C 211 0.50 1.00 -42.87
CA ASN C 211 0.81 2.40 -43.05
C ASN C 211 0.50 3.26 -41.84
N ILE C 212 1.01 4.49 -41.88
CA ILE C 212 0.81 5.47 -40.83
C ILE C 212 0.46 6.81 -41.47
N THR C 213 -0.76 7.24 -41.20
CA THR C 213 -1.25 8.50 -41.73
C THR C 213 -1.52 9.50 -40.61
N LEU C 214 -0.91 10.68 -40.72
CA LEU C 214 -1.15 11.73 -39.75
C LEU C 214 -2.00 12.78 -40.45
N THR C 215 -3.23 12.97 -40.01
CA THR C 215 -4.07 13.95 -40.67
C THR C 215 -4.90 14.78 -39.71
N GLU C 216 -5.15 16.03 -40.08
CA GLU C 216 -5.99 16.90 -39.26
C GLU C 216 -7.42 16.71 -39.71
N ASP C 217 -7.60 16.12 -40.89
CA ASP C 217 -8.92 15.87 -41.45
C ASP C 217 -9.62 14.67 -40.83
N VAL C 218 -10.65 14.92 -40.02
CA VAL C 218 -11.41 13.88 -39.34
C VAL C 218 -12.20 12.94 -40.27
N ALA C 219 -13.00 13.55 -41.16
CA ALA C 219 -13.85 12.80 -42.09
C ALA C 219 -13.04 11.82 -42.94
N LYS C 220 -11.99 12.31 -43.58
CA LYS C 220 -11.21 11.40 -44.40
C LYS C 220 -10.33 10.53 -43.51
N GLY C 221 -9.90 11.07 -42.39
CA GLY C 221 -9.05 10.31 -41.48
C GLY C 221 -9.64 9.05 -40.88
N VAL C 222 -10.96 9.03 -40.65
CA VAL C 222 -11.58 7.85 -40.03
C VAL C 222 -12.29 6.89 -40.97
N GLU C 223 -12.33 7.22 -42.27
CA GLU C 223 -12.98 6.35 -43.26
C GLU C 223 -12.46 4.92 -43.26
N GLY C 224 -13.40 3.99 -43.16
CA GLY C 224 -13.06 2.57 -43.18
C GLY C 224 -12.42 1.99 -41.93
N ALA C 225 -12.38 2.80 -40.88
CA ALA C 225 -11.78 2.37 -39.63
C ALA C 225 -12.50 1.17 -39.02
N ASP C 226 -11.71 0.25 -38.48
CA ASP C 226 -12.25 -0.94 -37.82
C ASP C 226 -12.40 -0.62 -36.35
N PHE C 227 -11.55 0.30 -35.90
CA PHE C 227 -11.53 0.71 -34.49
C PHE C 227 -11.22 2.20 -34.34
N ILE C 228 -11.90 2.85 -33.41
CA ILE C 228 -11.62 4.25 -33.11
C ILE C 228 -11.16 4.28 -31.66
N TYR C 229 -9.98 4.85 -31.45
CA TYR C 229 -9.35 4.89 -30.15
C TYR C 229 -9.11 6.32 -29.72
N THR C 230 -9.26 6.57 -28.42
CA THR C 230 -8.93 7.90 -27.91
C THR C 230 -8.41 7.79 -26.47
N ASP C 231 -7.94 8.93 -25.95
CA ASP C 231 -7.35 8.99 -24.61
C ASP C 231 -7.59 10.43 -24.09
N VAL C 232 -7.38 10.66 -22.80
CA VAL C 232 -7.58 12.00 -22.25
C VAL C 232 -6.67 13.03 -22.96
N TRP C 233 -7.12 14.28 -23.05
CA TRP C 233 -6.35 15.34 -23.76
C TRP C 233 -5.16 15.91 -23.00
N VAL C 234 -5.20 15.78 -21.67
CA VAL C 234 -4.08 16.20 -20.84
C VAL C 234 -3.78 14.94 -20.02
N SER C 235 -2.54 14.47 -20.12
CA SER C 235 -2.12 13.25 -19.44
C SER C 235 -1.65 13.45 -18.02
N MET C 236 -1.63 12.37 -17.25
CA MET C 236 -1.16 12.42 -15.87
C MET C 236 0.25 13.04 -15.79
N GLY C 237 0.42 14.01 -14.89
CA GLY C 237 1.72 14.63 -14.73
C GLY C 237 1.98 15.89 -15.54
N GLU C 238 1.06 16.25 -16.42
CA GLU C 238 1.24 17.46 -17.23
C GLU C 238 0.69 18.67 -16.48
N ALA C 239 1.31 19.83 -16.66
CA ALA C 239 0.86 21.04 -15.97
C ALA C 239 -0.62 21.27 -16.24
N LYS C 240 -1.38 21.57 -15.20
CA LYS C 240 -2.81 21.80 -15.38
C LYS C 240 -2.99 23.00 -16.32
N GLU C 241 -2.00 23.88 -16.34
CA GLU C 241 -2.03 25.08 -17.19
C GLU C 241 -2.21 24.72 -18.68
N LYS C 242 -2.05 23.45 -19.01
CA LYS C 242 -2.18 22.99 -20.39
C LYS C 242 -3.59 22.64 -20.86
N TRP C 243 -4.53 22.49 -19.92
CA TRP C 243 -5.90 22.12 -20.29
C TRP C 243 -6.58 23.06 -21.27
N ALA C 244 -6.46 24.38 -21.06
CA ALA C 244 -7.13 25.36 -21.96
C ALA C 244 -6.63 25.20 -23.40
N GLU C 245 -5.32 25.30 -23.61
CA GLU C 245 -4.75 25.17 -24.95
C GLU C 245 -5.07 23.79 -25.56
N ARG C 246 -5.09 22.73 -24.74
CA ARG C 246 -5.39 21.37 -25.21
C ARG C 246 -6.84 21.21 -25.64
N ILE C 247 -7.74 21.66 -24.79
CA ILE C 247 -9.15 21.53 -25.10
C ILE C 247 -9.48 22.28 -26.38
N ALA C 248 -8.90 23.46 -26.55
CA ALA C 248 -9.15 24.27 -27.76
C ALA C 248 -8.64 23.57 -29.04
N LEU C 249 -7.47 22.95 -28.95
CA LEU C 249 -6.89 22.26 -30.09
C LEU C 249 -7.53 20.92 -30.35
N LEU C 250 -8.11 20.32 -29.31
CA LEU C 250 -8.62 18.98 -29.45
C LEU C 250 -10.09 18.72 -29.36
N ARG C 251 -10.88 19.67 -28.87
CA ARG C 251 -12.31 19.42 -28.73
C ARG C 251 -12.96 18.97 -30.05
N GLU C 252 -12.47 19.51 -31.17
CA GLU C 252 -12.97 19.14 -32.48
C GLU C 252 -12.63 17.67 -32.80
N TYR C 253 -11.71 17.09 -32.04
CA TYR C 253 -11.31 15.71 -32.27
C TYR C 253 -11.97 14.74 -31.31
N GLN C 254 -13.06 15.17 -30.70
CA GLN C 254 -13.79 14.31 -29.80
C GLN C 254 -14.39 13.12 -30.53
N VAL C 255 -14.29 11.95 -29.92
CA VAL C 255 -14.88 10.76 -30.50
C VAL C 255 -16.32 10.80 -30.05
N ASN C 256 -17.21 11.10 -31.00
CA ASN C 256 -18.66 11.19 -30.74
C ASN C 256 -19.35 10.38 -31.85
N SER C 257 -20.67 10.30 -31.80
CA SER C 257 -21.37 9.52 -32.81
C SER C 257 -21.14 9.98 -34.27
N LYS C 258 -20.95 11.28 -34.46
CA LYS C 258 -20.67 11.80 -35.81
C LYS C 258 -19.37 11.16 -36.32
N MET C 259 -18.35 11.07 -35.46
CA MET C 259 -17.09 10.47 -35.87
C MET C 259 -17.26 8.99 -36.21
N MET C 260 -18.04 8.30 -35.37
CA MET C 260 -18.30 6.88 -35.57
C MET C 260 -18.99 6.66 -36.90
N GLN C 261 -20.02 7.47 -37.18
CA GLN C 261 -20.77 7.36 -38.43
C GLN C 261 -19.89 7.70 -39.64
N LEU C 262 -18.96 8.63 -39.46
CA LEU C 262 -18.05 9.03 -40.52
C LEU C 262 -17.12 7.92 -41.02
N THR C 263 -16.92 6.86 -40.24
CA THR C 263 -16.03 5.80 -40.70
C THR C 263 -16.66 5.05 -41.86
N GLY C 264 -17.99 5.05 -41.87
CA GLY C 264 -18.76 4.36 -42.90
C GLY C 264 -18.79 2.87 -42.69
N ASN C 265 -18.36 2.42 -41.51
CA ASN C 265 -18.30 0.99 -41.17
C ASN C 265 -19.24 0.72 -40.01
N PRO C 266 -20.33 0.00 -40.27
CA PRO C 266 -21.29 -0.28 -39.18
C PRO C 266 -20.69 -1.13 -38.05
N GLU C 267 -19.58 -1.80 -38.34
CA GLU C 267 -18.94 -2.67 -37.38
C GLU C 267 -17.85 -2.00 -36.55
N VAL C 268 -17.64 -0.71 -36.75
CA VAL C 268 -16.57 -0.05 -36.00
C VAL C 268 -16.77 -0.17 -34.49
N LYS C 269 -15.66 -0.38 -33.79
CA LYS C 269 -15.67 -0.49 -32.33
C LYS C 269 -14.89 0.67 -31.73
N PHE C 270 -15.17 0.94 -30.46
CA PHE C 270 -14.52 2.03 -29.76
C PHE C 270 -13.60 1.49 -28.65
N LEU C 271 -12.38 2.04 -28.65
CA LEU C 271 -11.32 1.70 -27.69
C LEU C 271 -10.85 2.96 -26.96
N HIS C 272 -10.45 2.78 -25.71
CA HIS C 272 -9.98 3.87 -24.87
C HIS C 272 -9.15 3.17 -23.80
N CYS C 273 -7.89 3.58 -23.64
CA CYS C 273 -7.04 2.94 -22.62
C CYS C 273 -7.58 3.08 -21.19
N LEU C 274 -8.32 4.18 -20.95
CA LEU C 274 -8.92 4.50 -19.64
C LEU C 274 -7.77 4.97 -18.71
N PRO C 275 -8.07 5.77 -17.66
CA PRO C 275 -9.40 6.24 -17.30
C PRO C 275 -9.91 7.23 -18.35
N ALA C 276 -11.23 7.34 -18.45
CA ALA C 276 -11.84 8.24 -19.41
C ALA C 276 -12.76 9.27 -18.77
N PHE C 277 -12.74 10.49 -19.32
CA PHE C 277 -13.63 11.58 -18.85
C PHE C 277 -14.81 11.57 -19.85
N HIS C 278 -15.81 10.74 -19.60
CA HIS C 278 -16.95 10.65 -20.50
C HIS C 278 -18.27 11.14 -19.91
N ASP C 279 -18.25 11.59 -18.67
CA ASP C 279 -19.45 12.14 -18.03
C ASP C 279 -19.04 13.03 -16.88
N ASP C 280 -19.98 13.37 -16.01
CA ASP C 280 -19.70 14.22 -14.87
C ASP C 280 -19.50 13.41 -13.58
N GLN C 281 -19.28 12.11 -13.72
CA GLN C 281 -19.12 11.22 -12.57
C GLN C 281 -17.73 11.09 -11.97
N THR C 282 -16.83 12.03 -12.25
CA THR C 282 -15.49 12.05 -11.65
C THR C 282 -15.24 13.49 -11.20
N THR C 283 -14.35 13.65 -10.24
CA THR C 283 -14.02 14.95 -9.71
C THR C 283 -13.52 15.94 -10.77
N LEU C 284 -12.32 15.71 -11.32
CA LEU C 284 -11.79 16.64 -12.33
C LEU C 284 -12.51 16.55 -13.66
N GLY C 285 -13.27 15.46 -13.82
CA GLY C 285 -14.03 15.29 -15.03
C GLY C 285 -15.19 16.27 -14.99
N LYS C 286 -15.85 16.37 -13.85
CA LYS C 286 -16.97 17.28 -13.70
C LYS C 286 -16.47 18.72 -13.77
N LYS C 287 -15.37 19.01 -13.09
CA LYS C 287 -14.81 20.36 -13.08
C LYS C 287 -14.42 20.86 -14.49
N MET C 288 -13.61 20.13 -15.24
CA MET C 288 -13.25 20.56 -16.59
C MET C 288 -14.46 20.65 -17.51
N ALA C 289 -15.43 19.76 -17.31
CA ALA C 289 -16.64 19.76 -18.13
C ALA C 289 -17.28 21.12 -18.05
N GLU C 290 -17.63 21.53 -16.83
CA GLU C 290 -18.27 22.83 -16.63
C GLU C 290 -17.35 24.02 -16.91
N GLU C 291 -16.03 23.82 -16.83
CA GLU C 291 -15.08 24.91 -17.09
C GLU C 291 -14.94 25.26 -18.57
N PHE C 292 -15.13 24.28 -19.44
CA PHE C 292 -14.99 24.54 -20.87
C PHE C 292 -16.25 24.25 -21.65
N GLY C 293 -17.34 24.00 -20.93
CA GLY C 293 -18.61 23.71 -21.57
C GLY C 293 -18.60 22.42 -22.38
N LEU C 294 -18.19 21.34 -21.73
CA LEU C 294 -18.13 20.03 -22.37
C LEU C 294 -18.93 19.09 -21.49
N HIS C 295 -20.22 18.98 -21.73
CA HIS C 295 -21.04 18.07 -20.95
C HIS C 295 -21.40 16.88 -21.82
N GLY C 296 -21.63 15.74 -21.19
CA GLY C 296 -21.93 14.55 -21.96
C GLY C 296 -20.65 13.83 -22.38
N GLY C 297 -19.49 14.39 -22.01
CA GLY C 297 -18.20 13.77 -22.33
C GLY C 297 -17.14 14.73 -22.82
N MET C 298 -15.87 14.34 -22.65
CA MET C 298 -14.74 15.16 -23.10
C MET C 298 -14.08 14.57 -24.36
N GLU C 299 -13.07 13.71 -24.20
CA GLU C 299 -12.39 13.10 -25.35
C GLU C 299 -13.30 12.12 -26.07
N VAL C 300 -14.27 11.56 -25.34
CA VAL C 300 -15.28 10.65 -25.89
C VAL C 300 -16.62 10.98 -25.21
N THR C 301 -17.72 10.85 -25.95
CA THR C 301 -19.04 11.15 -25.36
C THR C 301 -19.52 9.95 -24.57
N ASP C 302 -20.30 10.20 -23.52
CA ASP C 302 -20.82 9.11 -22.70
C ASP C 302 -21.59 8.20 -23.63
N GLU C 303 -22.23 8.83 -24.61
CA GLU C 303 -23.04 8.12 -25.58
C GLU C 303 -22.25 7.08 -26.34
N VAL C 304 -21.10 7.45 -26.87
CA VAL C 304 -20.29 6.48 -27.58
C VAL C 304 -19.69 5.49 -26.58
N PHE C 305 -19.23 6.00 -25.43
CA PHE C 305 -18.59 5.18 -24.39
C PHE C 305 -19.46 4.02 -23.93
N GLU C 306 -20.75 4.28 -23.81
CA GLU C 306 -21.66 3.26 -23.36
C GLU C 306 -22.39 2.50 -24.48
N SER C 307 -22.12 2.86 -25.74
CA SER C 307 -22.79 2.19 -26.85
C SER C 307 -22.37 0.73 -27.01
N ALA C 308 -23.10 0.02 -27.85
CA ALA C 308 -22.79 -1.37 -28.12
C ALA C 308 -21.44 -1.49 -28.81
N ALA C 309 -21.00 -0.44 -29.49
CA ALA C 309 -19.73 -0.45 -30.21
C ALA C 309 -18.52 -0.33 -29.31
N SER C 310 -18.77 0.07 -28.05
CA SER C 310 -17.71 0.24 -27.06
C SER C 310 -17.25 -1.10 -26.51
N ILE C 311 -15.94 -1.35 -26.56
CA ILE C 311 -15.41 -2.60 -26.03
C ILE C 311 -14.30 -2.31 -25.04
N VAL C 312 -14.33 -1.11 -24.45
CA VAL C 312 -13.30 -0.70 -23.49
C VAL C 312 -13.08 -1.66 -22.30
N PHE C 313 -14.09 -2.42 -21.89
CA PHE C 313 -13.89 -3.30 -20.76
C PHE C 313 -13.26 -4.66 -21.12
N ASP C 314 -13.39 -5.05 -22.39
CA ASP C 314 -12.75 -6.27 -22.91
C ASP C 314 -11.28 -5.87 -22.97
N GLN C 315 -11.06 -4.64 -23.42
CA GLN C 315 -9.73 -4.06 -23.54
C GLN C 315 -9.03 -3.96 -22.17
N ALA C 316 -9.78 -3.50 -21.16
CA ALA C 316 -9.25 -3.36 -19.79
C ALA C 316 -8.90 -4.73 -19.20
N GLU C 317 -9.76 -5.72 -19.43
CA GLU C 317 -9.50 -7.04 -18.90
C GLU C 317 -8.19 -7.56 -19.47
N ASN C 318 -7.98 -7.33 -20.77
CA ASN C 318 -6.79 -7.80 -21.42
C ASN C 318 -5.49 -7.20 -20.93
N ARG C 319 -5.58 -6.15 -20.11
CA ARG C 319 -4.38 -5.53 -19.54
C ARG C 319 -3.73 -6.56 -18.65
N MET C 320 -4.53 -7.35 -17.95
CA MET C 320 -3.99 -8.33 -17.03
C MET C 320 -3.36 -9.55 -17.70
N HIS C 321 -4.07 -10.17 -18.66
CA HIS C 321 -3.55 -11.32 -19.36
C HIS C 321 -2.26 -10.97 -20.10
N THR C 322 -2.18 -9.78 -20.71
CA THR C 322 -0.96 -9.46 -21.44
C THR C 322 0.20 -9.11 -20.51
N ILE C 323 -0.06 -8.44 -19.38
CA ILE C 323 1.02 -8.14 -18.43
C ILE C 323 1.53 -9.48 -17.84
N LYS C 324 0.64 -10.45 -17.68
CA LYS C 324 1.04 -11.77 -17.18
C LYS C 324 1.99 -12.44 -18.20
N ALA C 325 1.67 -12.35 -19.49
CA ALA C 325 2.50 -12.93 -20.54
C ALA C 325 3.91 -12.31 -20.45
N VAL C 326 3.96 -10.99 -20.31
CA VAL C 326 5.22 -10.28 -20.22
C VAL C 326 6.07 -10.80 -19.06
N MET C 327 5.48 -10.94 -17.90
CA MET C 327 6.26 -11.40 -16.75
C MET C 327 6.67 -12.86 -16.92
N VAL C 328 5.74 -13.68 -17.40
CA VAL C 328 6.04 -15.08 -17.59
C VAL C 328 7.18 -15.25 -18.64
N ALA C 329 7.09 -14.52 -19.74
CA ALA C 329 8.10 -14.63 -20.79
C ALA C 329 9.51 -14.18 -20.38
N THR C 330 9.61 -13.13 -19.58
CA THR C 330 10.91 -12.59 -19.18
C THR C 330 11.51 -13.17 -17.90
N LEU C 331 10.69 -13.79 -17.08
CA LEU C 331 11.14 -14.34 -15.81
C LEU C 331 11.27 -15.84 -15.86
N SER C 332 10.49 -16.43 -16.76
CA SER C 332 10.44 -17.87 -16.92
C SER C 332 11.22 -18.39 -18.14
N LYS C 333 11.54 -19.69 -18.11
CA LYS C 333 12.25 -20.41 -19.18
C LYS C 333 13.61 -19.81 -19.51
S PSQ D . 15.14 2.87 4.12
O PSQ D . 14.96 2.86 2.61
O1 PSQ D . 14.85 4.03 4.72
O2 PSQ D . 14.26 1.71 4.72
P PSQ D . 17.46 2.49 5.81
N PSQ D . 18.95 1.70 5.50
O3 PSQ D . 16.76 1.68 6.88
N1 PSQ D . 17.48 4.01 6.35
C PSQ D . 17.54 8.42 9.39
O4 PSQ D . 17.00 9.12 8.49
O5 PSQ D . 16.97 8.20 10.49
C1 PSQ D . 18.96 7.84 9.16
C2 PSQ D . 18.99 6.30 8.96
C3 PSQ D . 18.19 5.79 7.74
C4 PSQ D . 18.24 4.27 7.60
N2 PSQ D . 16.67 2.48 4.31
N3 PSQ D . 19.81 8.22 10.31
C1 MPD E . 17.50 -22.00 14.56
C2 MPD E . 17.00 -20.76 15.31
O2 MPD E . 16.46 -21.11 16.58
CM MPD E . 15.89 -20.11 14.46
C3 MPD E . 18.25 -19.81 15.49
C4 MPD E . 17.90 -18.44 16.15
O4 MPD E . 17.14 -18.60 17.34
C5 MPD E . 19.20 -17.67 16.44
S PSQ F . -11.24 1.14 11.26
O PSQ F . -9.84 1.05 11.84
O1 PSQ F . -11.60 2.36 10.83
O2 PSQ F . -11.35 0.10 10.08
P PSQ F . -13.85 0.66 12.40
N PSQ F . -14.34 -0.28 13.76
O3 PSQ F . -14.45 -0.02 11.18
N1 PSQ F . -14.32 2.20 12.31
C PSQ F . -16.95 6.77 11.34
O4 PSQ F . -15.89 7.47 11.39
O5 PSQ F . -17.63 6.67 10.28
C1 PSQ F . -17.45 6.06 12.62
C2 PSQ F . -17.32 4.51 12.60
C3 PSQ F . -15.85 4.00 12.44
C4 PSQ F . -15.78 2.48 12.40
N2 PSQ F . -12.17 0.62 12.45
N3 PSQ F . -18.87 6.45 12.83
S PSQ G . -4.36 3.05 -15.00
O PSQ G . -5.55 2.81 -14.11
O1 PSQ G . -3.86 4.30 -14.96
O2 PSQ G . -3.23 2.01 -14.63
P PSQ G . -4.01 2.94 -17.88
N PSQ G . -4.90 2.09 -19.08
O3 PSQ G . -2.62 2.30 -17.86
N1 PSQ G . -3.76 4.52 -18.05
C PSQ G . -1.79 9.35 -19.26
O4 PSQ G . -2.39 9.91 -18.30
O5 PSQ G . -0.54 9.32 -19.32
C1 PSQ G . -2.62 8.74 -20.42
C2 PSQ G . -2.60 7.19 -20.47
C3 PSQ G . -3.17 6.49 -19.21
C4 PSQ G . -3.11 4.97 -19.30
N2 PSQ G . -4.89 2.69 -16.45
N3 PSQ G . -2.11 9.30 -21.69
#